data_5IG2
#
_entry.id   5IG2
#
_cell.length_a   83.520
_cell.length_b   187.790
_cell.length_c   108.260
_cell.angle_alpha   90.000
_cell.angle_beta   90.000
_cell.angle_gamma   90.000
#
_symmetry.space_group_name_H-M   'C 2 2 21'
#
loop_
_entity.id
_entity.type
_entity.pdbx_description
1 polymer 'Short-chain dehydrogenase/reductase SDR'
2 non-polymer NICOTINAMIDE-ADENINE-DINUCLEOTIDE
3 non-polymer 'ACETATE ION'
4 water water
#
_entity_poly.entity_id   1
_entity_poly.type   'polypeptide(L)'
_entity_poly.pdbx_seq_one_letter_code
;MAHHHHHHMFEFDGKVAVITGAGSGFGRAFAEKGASLGMKLVLADVDEGALARTVDTLRAAGAEVIGVRTDVSNGAQVQA
LADAALEAFGKVHLLFNNAGVGAGGFLWESSANDWAWVFGVNVMGVAHGVRVFAPIMLGQNEAAHIVNTASVAGLLSPPS
MGIYNASKHAVVSLTETLYHDLRNAGGEVGCSLLCPAFVPTGIADAERVRPEALRNEAQPTRSQLAADRQLQRAVRSGKL
GATDVATLTFEAIAERRFYILTHPAILATVRLRHEDIELQRNPTDPLSLKPEVKEAR
;
_entity_poly.pdbx_strand_id   A,B,C
#
loop_
_chem_comp.id
_chem_comp.type
_chem_comp.name
_chem_comp.formula
ACT non-polymer 'ACETATE ION' 'C2 H3 O2 -1'
NAD non-polymer NICOTINAMIDE-ADENINE-DINUCLEOTIDE 'C21 H27 N7 O14 P2'
#
# COMPACT_ATOMS: atom_id res chain seq x y z
N MET A 9 -12.61 -27.26 -8.29
CA MET A 9 -11.51 -27.05 -7.36
C MET A 9 -11.96 -26.48 -6.01
N PHE A 10 -11.16 -26.73 -4.98
CA PHE A 10 -11.43 -26.17 -3.66
C PHE A 10 -11.18 -24.67 -3.65
N GLU A 11 -12.16 -23.91 -3.20
CA GLU A 11 -12.07 -22.45 -3.16
C GLU A 11 -11.70 -22.01 -1.75
N PHE A 12 -10.86 -20.97 -1.66
CA PHE A 12 -10.31 -20.53 -0.38
C PHE A 12 -10.80 -19.18 0.08
N ASP A 13 -11.19 -18.31 -0.85
CA ASP A 13 -11.45 -16.91 -0.52
C ASP A 13 -12.58 -16.78 0.49
N GLY A 14 -12.32 -16.07 1.58
CA GLY A 14 -13.28 -15.88 2.65
C GLY A 14 -13.50 -17.08 3.56
N LYS A 15 -12.82 -18.21 3.30
CA LYS A 15 -12.97 -19.40 4.14
CA LYS A 15 -12.97 -19.38 4.15
C LYS A 15 -12.05 -19.29 5.38
N VAL A 16 -12.30 -20.18 6.34
CA VAL A 16 -11.61 -20.16 7.62
C VAL A 16 -10.63 -21.32 7.70
N ALA A 17 -9.36 -21.02 8.03
CA ALA A 17 -8.33 -22.03 8.23
C ALA A 17 -7.90 -22.04 9.70
N VAL A 18 -7.88 -23.23 10.31
CA VAL A 18 -7.32 -23.45 11.63
C VAL A 18 -6.01 -24.18 11.46
N ILE A 19 -4.94 -23.65 12.04
CA ILE A 19 -3.58 -24.14 11.82
C ILE A 19 -2.90 -24.38 13.17
N THR A 20 -2.49 -25.62 13.43
CA THR A 20 -1.71 -25.88 14.64
C THR A 20 -0.21 -25.87 14.31
N GLY A 21 0.59 -25.66 15.35
CA GLY A 21 2.00 -25.36 15.13
C GLY A 21 2.22 -24.08 14.34
N ALA A 22 1.31 -23.11 14.47
CA ALA A 22 1.36 -21.91 13.64
C ALA A 22 2.47 -20.94 14.04
N GLY A 23 3.16 -21.15 15.15
CA GLY A 23 4.15 -20.18 15.54
C GLY A 23 5.49 -20.26 14.82
N SER A 24 5.66 -21.22 13.90
CA SER A 24 6.96 -21.52 13.32
C SER A 24 6.77 -22.37 12.07
N GLY A 25 7.83 -22.44 11.26
CA GLY A 25 7.95 -23.52 10.28
C GLY A 25 6.80 -23.61 9.31
N PHE A 26 6.33 -24.84 9.08
CA PHE A 26 5.26 -25.07 8.11
C PHE A 26 3.99 -24.32 8.51
N GLY A 27 3.69 -24.28 9.81
CA GLY A 27 2.43 -23.68 10.24
C GLY A 27 2.36 -22.20 9.95
N ARG A 28 3.45 -21.48 10.26
CA ARG A 28 3.53 -20.08 9.89
C ARG A 28 3.44 -19.89 8.38
N ALA A 29 4.06 -20.80 7.61
CA ALA A 29 4.00 -20.68 6.16
C ALA A 29 2.57 -20.91 5.64
N PHE A 30 1.85 -21.88 6.23
CA PHE A 30 0.45 -22.11 5.86
C PHE A 30 -0.39 -20.87 6.13
N ALA A 31 -0.15 -20.21 7.27
CA ALA A 31 -0.88 -18.98 7.58
C ALA A 31 -0.64 -17.90 6.53
N GLU A 32 0.63 -17.70 6.15
CA GLU A 32 0.94 -16.69 5.15
C GLU A 32 0.30 -17.04 3.81
N LYS A 33 0.38 -18.30 3.41
CA LYS A 33 -0.24 -18.71 2.15
C LYS A 33 -1.75 -18.54 2.22
N GLY A 34 -2.36 -19.02 3.29
CA GLY A 34 -3.81 -18.85 3.45
C GLY A 34 -4.23 -17.40 3.39
N ALA A 35 -3.50 -16.52 4.09
CA ALA A 35 -3.83 -15.09 4.04
C ALA A 35 -3.79 -14.57 2.61
N SER A 36 -2.80 -15.01 1.82
CA SER A 36 -2.70 -14.51 0.45
C SER A 36 -3.84 -14.99 -0.43
N LEU A 37 -4.56 -16.03 -0.01
CA LEU A 37 -5.72 -16.50 -0.74
C LEU A 37 -7.01 -15.94 -0.19
N GLY A 38 -6.95 -15.05 0.80
CA GLY A 38 -8.15 -14.48 1.37
C GLY A 38 -8.77 -15.26 2.50
N MET A 39 -8.02 -16.14 3.14
CA MET A 39 -8.57 -16.93 4.24
C MET A 39 -8.53 -16.18 5.56
N LYS A 40 -9.53 -16.43 6.39
CA LYS A 40 -9.48 -16.03 7.79
C LYS A 40 -8.72 -17.11 8.56
N LEU A 41 -7.90 -16.67 9.53
CA LEU A 41 -6.93 -17.55 10.15
C LEU A 41 -7.17 -17.71 11.64
N VAL A 42 -7.18 -18.95 12.12
CA VAL A 42 -7.16 -19.27 13.54
C VAL A 42 -5.86 -20.03 13.82
N LEU A 43 -4.93 -19.40 14.53
CA LEU A 43 -3.59 -19.91 14.72
C LEU A 43 -3.45 -20.48 16.12
N ALA A 44 -2.88 -21.68 16.23
CA ALA A 44 -2.73 -22.36 17.51
C ALA A 44 -1.32 -22.88 17.68
N ASP A 45 -0.77 -22.70 18.87
CA ASP A 45 0.57 -23.16 19.22
C ASP A 45 0.67 -23.22 20.73
N VAL A 46 1.55 -24.08 21.23
CA VAL A 46 1.80 -24.10 22.66
C VAL A 46 2.86 -23.06 23.04
N ASP A 47 3.68 -22.63 22.08
CA ASP A 47 4.72 -21.65 22.32
C ASP A 47 4.06 -20.27 22.29
N GLU A 48 3.83 -19.71 23.47
CA GLU A 48 3.08 -18.47 23.58
C GLU A 48 3.77 -17.34 22.80
N GLY A 49 5.08 -17.20 22.98
CA GLY A 49 5.80 -16.11 22.33
C GLY A 49 5.77 -16.22 20.81
N ALA A 50 6.02 -17.43 20.30
CA ALA A 50 6.00 -17.62 18.85
C ALA A 50 4.62 -17.37 18.28
N LEU A 51 3.58 -17.84 18.99
CA LEU A 51 2.21 -17.62 18.53
C LEU A 51 1.88 -16.14 18.47
N ALA A 52 2.16 -15.40 19.55
CA ALA A 52 1.87 -13.97 19.57
C ALA A 52 2.61 -13.24 18.46
N ARG A 53 3.88 -13.56 18.26
CA ARG A 53 4.64 -12.88 17.21
C ARG A 53 4.08 -13.20 15.83
N THR A 54 3.63 -14.43 15.62
CA THR A 54 3.09 -14.81 14.31
C THR A 54 1.76 -14.10 14.06
N VAL A 55 0.92 -13.98 15.08
CA VAL A 55 -0.32 -13.23 14.95
C VAL A 55 -0.03 -11.77 14.54
N ASP A 56 0.90 -11.12 15.25
CA ASP A 56 1.23 -9.74 14.91
C ASP A 56 1.77 -9.62 13.48
N THR A 57 2.65 -10.55 13.09
CA THR A 57 3.23 -10.49 11.75
C THR A 57 2.16 -10.64 10.69
N LEU A 58 1.24 -11.60 10.87
CA LEU A 58 0.18 -11.79 9.88
C LEU A 58 -0.73 -10.57 9.83
N ARG A 59 -1.01 -9.95 10.99
CA ARG A 59 -1.83 -8.75 10.96
C ARG A 59 -1.15 -7.62 10.22
N ALA A 60 0.18 -7.51 10.36
CA ALA A 60 0.89 -6.46 9.65
C ALA A 60 0.89 -6.70 8.16
N ALA A 61 0.58 -7.93 7.72
CA ALA A 61 0.41 -8.26 6.31
C ALA A 61 -1.04 -8.15 5.86
N GLY A 62 -1.93 -7.61 6.70
CA GLY A 62 -3.33 -7.42 6.34
C GLY A 62 -4.25 -8.59 6.59
N ALA A 63 -3.78 -9.65 7.24
CA ALA A 63 -4.62 -10.83 7.45
C ALA A 63 -5.62 -10.61 8.58
N GLU A 64 -6.78 -11.25 8.44
CA GLU A 64 -7.73 -11.35 9.54
C GLU A 64 -7.41 -12.63 10.32
N VAL A 65 -7.00 -12.49 11.58
CA VAL A 65 -6.42 -13.61 12.28
C VAL A 65 -6.70 -13.47 13.78
N ILE A 66 -6.90 -14.61 14.44
CA ILE A 66 -6.87 -14.71 15.89
C ILE A 66 -5.84 -15.78 16.26
N GLY A 67 -5.37 -15.71 17.50
CA GLY A 67 -4.48 -16.73 18.04
C GLY A 67 -5.09 -17.35 19.29
N VAL A 68 -4.89 -18.66 19.47
CA VAL A 68 -5.37 -19.36 20.66
C VAL A 68 -4.24 -20.26 21.12
N ARG A 69 -3.65 -19.96 22.28
CA ARG A 69 -2.62 -20.85 22.81
C ARG A 69 -3.23 -22.22 23.11
N THR A 70 -2.65 -23.26 22.52
CA THR A 70 -3.24 -24.60 22.51
C THR A 70 -2.12 -25.63 22.59
N ASP A 71 -2.22 -26.53 23.58
CA ASP A 71 -1.43 -27.75 23.62
C ASP A 71 -2.26 -28.82 22.95
N VAL A 72 -1.89 -29.18 21.70
CA VAL A 72 -2.69 -30.11 20.92
C VAL A 72 -2.76 -31.49 21.54
N SER A 73 -1.85 -31.83 22.45
CA SER A 73 -1.96 -33.14 23.10
C SER A 73 -3.13 -33.20 24.08
N ASN A 74 -3.75 -32.06 24.38
CA ASN A 74 -4.78 -31.95 25.40
C ASN A 74 -6.14 -31.81 24.71
N GLY A 75 -6.98 -32.85 24.82
CA GLY A 75 -8.23 -32.85 24.09
C GLY A 75 -9.12 -31.67 24.43
N ALA A 76 -9.16 -31.29 25.70
CA ALA A 76 -9.99 -30.17 26.12
C ALA A 76 -9.51 -28.88 25.47
N GLN A 77 -8.18 -28.71 25.31
CA GLN A 77 -7.70 -27.51 24.66
C GLN A 77 -7.98 -27.53 23.17
N VAL A 78 -7.95 -28.69 22.52
CA VAL A 78 -8.29 -28.74 21.10
C VAL A 78 -9.78 -28.43 20.90
N GLN A 79 -10.63 -28.94 21.79
CA GLN A 79 -12.04 -28.55 21.78
C GLN A 79 -12.19 -27.04 21.97
N ALA A 80 -11.44 -26.47 22.92
CA ALA A 80 -11.51 -25.03 23.14
C ALA A 80 -11.08 -24.25 21.89
N LEU A 81 -10.10 -24.78 21.15
CA LEU A 81 -9.67 -24.14 19.92
C LEU A 81 -10.79 -24.10 18.88
N ALA A 82 -11.50 -25.22 18.71
CA ALA A 82 -12.65 -25.22 17.82
C ALA A 82 -13.70 -24.23 18.29
N ASP A 83 -14.01 -24.22 19.60
CA ASP A 83 -15.01 -23.27 20.12
C ASP A 83 -14.59 -21.82 19.83
N ALA A 84 -13.29 -21.53 19.94
CA ALA A 84 -12.81 -20.18 19.67
C ALA A 84 -12.92 -19.84 18.20
N ALA A 85 -12.62 -20.80 17.33
CA ALA A 85 -12.74 -20.59 15.89
C ALA A 85 -14.19 -20.29 15.50
N LEU A 86 -15.16 -21.04 16.05
CA LEU A 86 -16.55 -20.81 15.68
C LEU A 86 -17.05 -19.48 16.23
N GLU A 87 -16.65 -19.14 17.45
CA GLU A 87 -17.08 -17.89 18.04
C GLU A 87 -16.58 -16.70 17.22
N ALA A 88 -15.37 -16.81 16.67
CA ALA A 88 -14.79 -15.71 15.91
C ALA A 88 -15.35 -15.62 14.50
N PHE A 89 -15.40 -16.76 13.78
CA PHE A 89 -15.68 -16.74 12.35
C PHE A 89 -16.86 -17.61 11.93
N GLY A 90 -17.48 -18.34 12.85
CA GLY A 90 -18.68 -19.10 12.56
C GLY A 90 -18.50 -20.43 11.86
N LYS A 91 -17.36 -20.66 11.20
CA LYS A 91 -17.15 -21.85 10.39
C LYS A 91 -15.70 -22.25 10.45
N VAL A 92 -15.43 -23.52 10.12
CA VAL A 92 -14.06 -24.00 9.90
C VAL A 92 -14.06 -24.77 8.59
N HIS A 93 -13.22 -24.35 7.65
CA HIS A 93 -13.15 -24.98 6.33
C HIS A 93 -11.88 -25.77 6.09
N LEU A 94 -10.78 -25.37 6.71
CA LEU A 94 -9.49 -26.01 6.51
CA LEU A 94 -9.49 -26.01 6.51
C LEU A 94 -8.85 -26.20 7.88
N LEU A 95 -8.37 -27.41 8.14
CA LEU A 95 -7.67 -27.73 9.38
C LEU A 95 -6.31 -28.32 9.05
N PHE A 96 -5.27 -27.72 9.60
CA PHE A 96 -3.90 -28.23 9.46
C PHE A 96 -3.48 -28.78 10.82
N ASN A 97 -3.58 -30.11 10.99
CA ASN A 97 -3.08 -30.77 12.20
C ASN A 97 -1.59 -30.96 11.98
N ASN A 98 -0.83 -29.94 12.35
CA ASN A 98 0.54 -29.77 11.87
C ASN A 98 1.58 -29.74 12.97
N ALA A 99 1.22 -29.35 14.20
CA ALA A 99 2.18 -29.34 15.29
C ALA A 99 2.87 -30.69 15.43
N GLY A 100 4.18 -30.65 15.68
CA GLY A 100 4.94 -31.88 15.85
C GLY A 100 6.22 -31.66 16.61
N VAL A 101 6.73 -32.74 17.19
CA VAL A 101 7.97 -32.74 17.95
C VAL A 101 8.71 -34.03 17.60
N GLY A 102 9.97 -34.12 18.04
CA GLY A 102 10.75 -35.32 17.81
C GLY A 102 11.74 -35.59 18.92
N ALA A 103 12.27 -36.80 18.90
CA ALA A 103 13.38 -37.24 19.74
C ALA A 103 14.06 -38.40 19.03
N GLY A 104 15.33 -38.62 19.34
CA GLY A 104 16.14 -39.61 18.66
C GLY A 104 17.03 -40.41 19.60
N GLY A 105 17.80 -41.32 19.00
CA GLY A 105 18.67 -42.22 19.73
C GLY A 105 18.27 -43.68 19.54
N PHE A 106 19.18 -44.62 19.86
CA PHE A 106 18.82 -46.04 19.90
C PHE A 106 17.50 -46.22 20.64
N LEU A 107 16.61 -47.04 20.07
CA LEU A 107 15.22 -47.01 20.48
C LEU A 107 15.05 -47.30 21.98
N TRP A 108 15.78 -48.28 22.51
CA TRP A 108 15.63 -48.69 23.90
C TRP A 108 16.24 -47.69 24.87
N GLU A 109 17.05 -46.74 24.40
CA GLU A 109 17.64 -45.77 25.31
C GLU A 109 16.71 -44.62 25.63
N SER A 110 15.66 -44.43 24.82
CA SER A 110 14.68 -43.37 25.07
C SER A 110 13.85 -43.69 26.31
N SER A 111 13.39 -42.64 26.97
CA SER A 111 12.62 -42.77 28.19
C SER A 111 11.14 -42.98 27.88
N ALA A 112 10.40 -43.42 28.90
CA ALA A 112 8.95 -43.46 28.78
C ALA A 112 8.39 -42.07 28.50
N ASN A 113 8.97 -41.04 29.13
CA ASN A 113 8.53 -39.66 28.88
C ASN A 113 8.70 -39.28 27.40
N ASP A 114 9.82 -39.69 26.79
CA ASP A 114 10.03 -39.41 25.37
C ASP A 114 8.89 -39.96 24.52
N TRP A 115 8.54 -41.23 24.75
CA TRP A 115 7.42 -41.86 24.04
C TRP A 115 6.13 -41.08 24.26
N ALA A 116 5.84 -40.74 25.51
CA ALA A 116 4.60 -40.05 25.83
C ALA A 116 4.56 -38.66 25.19
N TRP A 117 5.70 -37.95 25.20
CA TRP A 117 5.76 -36.61 24.61
C TRP A 117 5.50 -36.67 23.13
N VAL A 118 6.26 -37.49 22.41
CA VAL A 118 6.19 -37.48 20.94
C VAL A 118 4.82 -37.99 20.48
N PHE A 119 4.33 -39.08 21.08
CA PHE A 119 3.02 -39.58 20.66
C PHE A 119 1.90 -38.64 21.09
N GLY A 120 2.06 -37.96 22.22
CA GLY A 120 1.03 -37.01 22.64
C GLY A 120 0.83 -35.89 21.63
N VAL A 121 1.93 -35.32 21.12
CA VAL A 121 1.83 -34.25 20.13
C VAL A 121 1.52 -34.81 18.75
N ASN A 122 2.34 -35.75 18.27
CA ASN A 122 2.31 -36.11 16.85
C ASN A 122 1.12 -36.98 16.48
N VAL A 123 0.62 -37.81 17.41
CA VAL A 123 -0.52 -38.67 17.14
C VAL A 123 -1.79 -38.15 17.81
N MET A 124 -1.76 -37.97 19.14
CA MET A 124 -2.98 -37.54 19.84
CA MET A 124 -2.99 -37.56 19.83
C MET A 124 -3.42 -36.16 19.42
N GLY A 125 -2.47 -35.27 19.10
CA GLY A 125 -2.85 -33.96 18.58
C GLY A 125 -3.62 -34.07 17.28
N VAL A 126 -3.16 -34.93 16.38
CA VAL A 126 -3.88 -35.19 15.14
C VAL A 126 -5.23 -35.83 15.43
N ALA A 127 -5.23 -36.85 16.31
CA ALA A 127 -6.48 -37.53 16.68
C ALA A 127 -7.50 -36.55 17.25
N HIS A 128 -7.07 -35.70 18.20
CA HIS A 128 -7.98 -34.70 18.76
C HIS A 128 -8.54 -33.77 17.69
N GLY A 129 -7.69 -33.32 16.78
CA GLY A 129 -8.15 -32.40 15.75
C GLY A 129 -9.20 -33.04 14.86
N VAL A 130 -8.96 -34.28 14.44
CA VAL A 130 -9.93 -35.00 13.62
C VAL A 130 -11.22 -35.19 14.41
N ARG A 131 -11.10 -35.65 15.66
CA ARG A 131 -12.28 -35.96 16.46
C ARG A 131 -13.13 -34.71 16.69
N VAL A 132 -12.48 -33.58 16.95
CA VAL A 132 -13.21 -32.37 17.30
C VAL A 132 -13.76 -31.68 16.04
N PHE A 133 -12.93 -31.55 14.99
CA PHE A 133 -13.30 -30.71 13.86
C PHE A 133 -14.06 -31.44 12.76
N ALA A 134 -13.83 -32.73 12.55
CA ALA A 134 -14.56 -33.42 11.48
C ALA A 134 -16.07 -33.35 11.67
N PRO A 135 -16.64 -33.58 12.86
CA PRO A 135 -18.09 -33.40 13.01
C PRO A 135 -18.55 -31.99 12.69
N ILE A 136 -17.80 -30.98 13.12
CA ILE A 136 -18.14 -29.60 12.78
C ILE A 136 -18.19 -29.43 11.27
N MET A 137 -17.18 -29.94 10.58
CA MET A 137 -17.13 -29.79 9.14
C MET A 137 -18.24 -30.58 8.48
N LEU A 138 -18.50 -31.80 8.93
CA LEU A 138 -19.58 -32.59 8.34
C LEU A 138 -20.93 -31.91 8.54
N GLY A 139 -21.11 -31.21 9.65
CA GLY A 139 -22.38 -30.55 9.90
C GLY A 139 -22.62 -29.29 9.09
N GLN A 140 -21.58 -28.70 8.50
CA GLN A 140 -21.74 -27.42 7.81
C GLN A 140 -22.36 -27.57 6.42
N ASN A 141 -22.29 -28.76 5.83
CA ASN A 141 -22.76 -29.00 4.47
C ASN A 141 -22.10 -28.04 3.47
N GLU A 142 -20.79 -27.89 3.62
CA GLU A 142 -19.96 -27.13 2.70
C GLU A 142 -18.67 -27.91 2.50
N ALA A 143 -17.96 -27.57 1.44
CA ALA A 143 -16.63 -28.14 1.23
C ALA A 143 -15.71 -27.79 2.39
N ALA A 144 -14.96 -28.78 2.85
CA ALA A 144 -13.95 -28.60 3.88
C ALA A 144 -12.88 -29.66 3.68
N HIS A 145 -11.73 -29.48 4.33
CA HIS A 145 -10.60 -30.34 4.10
C HIS A 145 -9.70 -30.35 5.32
N ILE A 146 -9.18 -31.52 5.65
CA ILE A 146 -8.28 -31.70 6.79
C ILE A 146 -6.93 -32.16 6.27
N VAL A 147 -5.87 -31.45 6.63
CA VAL A 147 -4.51 -31.80 6.22
C VAL A 147 -3.72 -32.21 7.46
N ASN A 148 -3.18 -33.41 7.44
CA ASN A 148 -2.38 -33.91 8.55
C ASN A 148 -0.92 -33.94 8.11
N THR A 149 -0.03 -33.36 8.92
CA THR A 149 1.39 -33.35 8.57
C THR A 149 2.04 -34.62 9.13
N ALA A 150 2.40 -35.53 8.24
CA ALA A 150 3.22 -36.65 8.68
C ALA A 150 4.67 -36.28 8.42
N SER A 151 5.33 -37.03 7.53
CA SER A 151 6.75 -36.84 7.20
C SER A 151 7.15 -37.99 6.27
N VAL A 152 8.25 -37.88 5.54
CA VAL A 152 8.75 -39.08 4.87
C VAL A 152 9.12 -40.13 5.91
N ALA A 153 9.35 -39.70 7.16
CA ALA A 153 9.55 -40.65 8.24
C ALA A 153 8.29 -41.43 8.56
N GLY A 154 7.14 -41.03 8.01
CA GLY A 154 5.95 -41.88 8.04
C GLY A 154 5.89 -42.91 6.93
N LEU A 155 6.85 -42.88 6.01
CA LEU A 155 6.95 -43.84 4.92
C LEU A 155 8.23 -44.66 5.00
N LEU A 156 9.17 -44.26 5.83
CA LEU A 156 10.48 -44.89 5.98
C LEU A 156 10.73 -45.12 7.46
N SER A 157 11.75 -45.90 7.77
CA SER A 157 12.14 -46.16 9.16
C SER A 157 13.65 -45.99 9.29
N PRO A 158 14.13 -44.74 9.31
CA PRO A 158 15.57 -44.51 9.41
C PRO A 158 16.06 -44.79 10.82
N PRO A 159 17.31 -45.22 10.96
CA PRO A 159 17.83 -45.58 12.28
C PRO A 159 17.81 -44.41 13.25
N SER A 160 17.69 -44.75 14.54
CA SER A 160 17.84 -43.81 15.66
C SER A 160 16.76 -42.74 15.71
N MET A 161 15.64 -42.92 15.00
CA MET A 161 14.51 -42.00 15.10
CA MET A 161 14.51 -42.01 15.05
C MET A 161 13.21 -42.77 15.30
N GLY A 162 13.30 -43.93 15.95
CA GLY A 162 12.17 -44.87 15.98
C GLY A 162 10.89 -44.33 16.59
N ILE A 163 10.99 -43.49 17.63
CA ILE A 163 9.77 -42.96 18.24
C ILE A 163 9.10 -42.00 17.28
N TYR A 164 9.89 -41.10 16.68
CA TYR A 164 9.37 -40.18 15.69
C TYR A 164 8.80 -40.93 14.49
N ASN A 165 9.58 -41.87 13.96
CA ASN A 165 9.12 -42.70 12.85
C ASN A 165 7.76 -43.32 13.16
N ALA A 166 7.66 -44.00 14.30
CA ALA A 166 6.43 -44.69 14.66
C ALA A 166 5.26 -43.72 14.74
N SER A 167 5.48 -42.54 15.33
CA SER A 167 4.39 -41.57 15.41
C SER A 167 3.96 -41.14 14.02
N LYS A 168 4.90 -40.99 13.10
CA LYS A 168 4.53 -40.52 11.76
C LYS A 168 3.90 -41.62 10.92
N HIS A 169 4.32 -42.87 11.09
CA HIS A 169 3.59 -43.97 10.46
C HIS A 169 2.15 -44.04 10.95
N ALA A 170 1.94 -43.80 12.26
CA ALA A 170 0.57 -43.75 12.77
C ALA A 170 -0.24 -42.66 12.08
N VAL A 171 0.36 -41.47 11.88
CA VAL A 171 -0.36 -40.39 11.21
C VAL A 171 -0.69 -40.78 9.78
N VAL A 172 0.27 -41.37 9.07
CA VAL A 172 0.02 -41.85 7.70
C VAL A 172 -1.21 -42.74 7.68
N SER A 173 -1.23 -43.78 8.51
CA SER A 173 -2.31 -44.76 8.43
C SER A 173 -3.64 -44.19 8.88
N LEU A 174 -3.66 -43.44 9.98
CA LEU A 174 -4.95 -42.89 10.41
C LEU A 174 -5.51 -41.95 9.35
N THR A 175 -4.63 -41.25 8.63
CA THR A 175 -5.10 -40.32 7.61
C THR A 175 -5.58 -41.06 6.36
N GLU A 176 -4.88 -42.12 5.98
CA GLU A 176 -5.39 -42.99 4.92
C GLU A 176 -6.77 -43.54 5.29
N THR A 177 -6.92 -44.03 6.53
CA THR A 177 -8.21 -44.56 6.94
C THR A 177 -9.28 -43.47 6.92
N LEU A 178 -8.91 -42.28 7.39
CA LEU A 178 -9.81 -41.13 7.37
C LEU A 178 -10.32 -40.86 5.96
N TYR A 179 -9.44 -40.96 4.97
CA TYR A 179 -9.83 -40.74 3.59
C TYR A 179 -10.95 -41.68 3.18
N HIS A 180 -10.83 -42.96 3.55
CA HIS A 180 -11.87 -43.93 3.24
C HIS A 180 -13.13 -43.70 4.07
N ASP A 181 -12.97 -43.40 5.36
CA ASP A 181 -14.14 -43.16 6.22
C ASP A 181 -14.96 -41.97 5.74
N LEU A 182 -14.28 -40.89 5.33
CA LEU A 182 -15.01 -39.71 4.85
C LEU A 182 -15.81 -40.05 3.60
N ARG A 183 -15.25 -40.89 2.73
CA ARG A 183 -15.97 -41.27 1.52
C ARG A 183 -17.15 -42.17 1.86
N ASN A 184 -16.93 -43.17 2.71
CA ASN A 184 -18.03 -44.03 3.12
C ASN A 184 -19.13 -43.24 3.82
N ALA A 185 -18.74 -42.20 4.56
CA ALA A 185 -19.74 -41.39 5.25
C ALA A 185 -20.50 -40.50 4.27
N GLY A 186 -19.88 -40.13 3.16
CA GLY A 186 -20.44 -39.17 2.23
C GLY A 186 -20.21 -37.74 2.71
N GLY A 187 -20.45 -36.80 1.80
CA GLY A 187 -20.31 -35.40 2.13
C GLY A 187 -19.13 -34.75 1.42
N GLU A 188 -18.92 -33.47 1.73
CA GLU A 188 -17.96 -32.63 1.03
C GLU A 188 -16.68 -32.41 1.83
N VAL A 189 -16.44 -33.21 2.86
CA VAL A 189 -15.24 -33.12 3.68
C VAL A 189 -14.23 -34.12 3.16
N GLY A 190 -13.02 -33.64 2.84
CA GLY A 190 -11.94 -34.48 2.38
C GLY A 190 -10.71 -34.32 3.27
N CYS A 191 -9.63 -35.01 2.89
CA CYS A 191 -8.41 -34.92 3.68
C CYS A 191 -7.19 -35.20 2.82
N SER A 192 -6.04 -34.75 3.31
CA SER A 192 -4.76 -34.98 2.64
C SER A 192 -3.70 -35.30 3.67
N LEU A 193 -2.59 -35.86 3.18
CA LEU A 193 -1.48 -36.34 4.01
C LEU A 193 -0.18 -35.72 3.48
N LEU A 194 0.44 -34.86 4.29
CA LEU A 194 1.64 -34.13 3.89
C LEU A 194 2.88 -34.84 4.42
N CYS A 195 3.77 -35.25 3.51
CA CYS A 195 4.95 -36.08 3.86
C CYS A 195 6.23 -35.43 3.35
N PRO A 196 6.67 -34.35 3.98
CA PRO A 196 7.89 -33.68 3.52
C PRO A 196 9.16 -34.40 3.99
N ALA A 197 10.22 -34.21 3.21
CA ALA A 197 11.57 -34.49 3.68
C ALA A 197 12.10 -33.25 4.42
N PHE A 198 13.38 -33.25 4.77
CA PHE A 198 13.91 -32.25 5.69
C PHE A 198 13.79 -30.84 5.11
N VAL A 199 13.32 -29.90 5.95
CA VAL A 199 13.14 -28.51 5.58
C VAL A 199 13.70 -27.66 6.72
N PRO A 200 14.45 -26.58 6.44
CA PRO A 200 14.95 -25.72 7.53
C PRO A 200 13.84 -25.04 8.31
N THR A 201 13.44 -25.64 9.43
CA THR A 201 12.42 -25.07 10.30
C THR A 201 12.99 -25.14 11.73
N GLY A 202 12.11 -25.09 12.72
CA GLY A 202 12.51 -25.24 14.11
C GLY A 202 12.42 -26.65 14.64
N ILE A 203 12.14 -27.64 13.79
CA ILE A 203 11.77 -28.97 14.27
C ILE A 203 12.92 -29.62 15.03
N ALA A 204 14.17 -29.33 14.66
CA ALA A 204 15.29 -29.91 15.39
C ALA A 204 15.43 -29.35 16.80
N ASP A 205 14.77 -28.23 17.09
CA ASP A 205 14.80 -27.63 18.43
CA ASP A 205 14.77 -27.59 18.40
C ASP A 205 13.49 -27.84 19.17
N ALA A 206 12.81 -28.97 18.91
CA ALA A 206 11.53 -29.26 19.54
C ALA A 206 11.62 -29.33 21.06
N GLU A 207 12.81 -29.64 21.60
CA GLU A 207 12.96 -29.71 23.04
C GLU A 207 12.54 -28.41 23.72
N ARG A 208 12.55 -27.29 22.99
CA ARG A 208 12.16 -26.01 23.57
C ARG A 208 10.71 -26.02 24.07
N VAL A 209 9.88 -26.93 23.58
CA VAL A 209 8.49 -26.97 24.04
C VAL A 209 8.16 -28.32 24.68
N ARG A 210 9.16 -29.06 25.15
CA ARG A 210 8.84 -30.24 25.95
C ARG A 210 8.24 -29.78 27.27
N PRO A 211 7.10 -30.34 27.68
CA PRO A 211 6.51 -29.91 28.95
C PRO A 211 7.35 -30.34 30.12
N GLU A 212 7.32 -29.52 31.18
CA GLU A 212 8.08 -29.79 32.38
C GLU A 212 7.84 -31.20 32.91
N ALA A 213 6.57 -31.64 32.91
CA ALA A 213 6.21 -32.93 33.48
C ALA A 213 6.86 -34.10 32.76
N LEU A 214 7.35 -33.88 31.53
CA LEU A 214 7.95 -34.95 30.75
C LEU A 214 9.46 -34.79 30.57
N ARG A 215 10.10 -33.89 31.33
CA ARG A 215 11.55 -33.73 31.21
C ARG A 215 12.27 -35.03 31.58
N ASN A 216 13.46 -35.21 30.99
CA ASN A 216 14.34 -36.32 31.32
C ASN A 216 15.37 -35.84 32.35
N GLU A 217 15.54 -36.61 33.43
CA GLU A 217 16.57 -36.31 34.41
C GLU A 217 17.93 -36.82 33.99
N ALA A 218 18.00 -37.86 33.16
CA ALA A 218 19.27 -38.40 32.69
C ALA A 218 19.81 -37.58 31.53
N GLN A 219 21.13 -37.43 31.50
CA GLN A 219 21.77 -36.72 30.39
C GLN A 219 21.67 -37.55 29.11
N PRO A 220 21.78 -36.92 27.94
CA PRO A 220 21.64 -37.67 26.69
C PRO A 220 22.75 -38.70 26.53
N THR A 221 22.38 -39.85 25.96
CA THR A 221 23.35 -40.90 25.67
C THR A 221 24.15 -40.54 24.41
N ARG A 222 25.16 -41.35 24.14
CA ARG A 222 25.99 -41.14 22.96
C ARG A 222 25.15 -41.19 21.68
N SER A 223 24.25 -42.17 21.57
CA SER A 223 23.45 -42.29 20.35
C SER A 223 22.42 -41.17 20.25
N GLN A 224 21.92 -40.69 21.39
CA GLN A 224 20.96 -39.59 21.36
C GLN A 224 21.63 -38.31 20.93
N LEU A 225 22.85 -38.06 21.43
CA LEU A 225 23.61 -36.89 20.97
C LEU A 225 23.89 -36.98 19.47
N ALA A 226 24.32 -38.16 19.01
CA ALA A 226 24.57 -38.35 17.58
C ALA A 226 23.31 -38.08 16.75
N ALA A 227 22.17 -38.61 17.18
CA ALA A 227 20.94 -38.44 16.42
C ALA A 227 20.52 -36.96 16.37
N ASP A 228 20.69 -36.26 17.49
CA ASP A 228 20.35 -34.84 17.54
C ASP A 228 21.22 -34.06 16.56
N ARG A 229 22.52 -34.31 16.56
CA ARG A 229 23.42 -33.61 15.64
C ARG A 229 23.08 -33.95 14.19
N GLN A 230 22.75 -35.22 13.91
CA GLN A 230 22.37 -35.63 12.56
C GLN A 230 21.14 -34.87 12.08
N LEU A 231 20.10 -34.81 12.93
CA LEU A 231 18.86 -34.14 12.53
C LEU A 231 19.09 -32.66 12.24
N GLN A 232 19.93 -32.00 13.04
CA GLN A 232 20.21 -30.59 12.81
C GLN A 232 20.83 -30.37 11.44
N ARG A 233 21.82 -31.20 11.08
CA ARG A 233 22.45 -31.09 9.77
C ARG A 233 21.46 -31.35 8.65
N ALA A 234 20.61 -32.37 8.82
CA ALA A 234 19.62 -32.69 7.80
C ALA A 234 18.63 -31.55 7.63
N VAL A 235 18.09 -31.04 8.75
CA VAL A 235 17.13 -29.95 8.70
C VAL A 235 17.75 -28.72 8.06
N ARG A 236 18.93 -28.31 8.52
CA ARG A 236 19.53 -27.07 8.04
C ARG A 236 19.86 -27.11 6.55
N SER A 237 20.02 -28.30 5.97
CA SER A 237 20.49 -28.43 4.61
C SER A 237 19.38 -28.73 3.61
N GLY A 238 18.12 -28.67 4.02
CA GLY A 238 17.04 -28.90 3.07
C GLY A 238 16.96 -27.78 2.04
N LYS A 239 16.76 -28.17 0.78
CA LYS A 239 16.80 -27.21 -0.33
C LYS A 239 15.46 -26.55 -0.63
N LEU A 240 14.36 -27.10 -0.17
CA LEU A 240 13.07 -26.43 -0.22
C LEU A 240 12.75 -25.80 1.12
N GLY A 241 12.18 -24.59 1.10
CA GLY A 241 11.81 -23.90 2.31
C GLY A 241 10.36 -24.14 2.72
N ALA A 242 10.01 -23.64 3.91
CA ALA A 242 8.64 -23.80 4.40
C ALA A 242 7.64 -23.15 3.45
N THR A 243 8.02 -22.02 2.86
CA THR A 243 7.15 -21.35 1.87
C THR A 243 6.85 -22.26 0.70
N ASP A 244 7.86 -23.02 0.24
CA ASP A 244 7.62 -23.96 -0.85
C ASP A 244 6.66 -25.06 -0.42
N VAL A 245 6.83 -25.58 0.81
CA VAL A 245 5.92 -26.61 1.30
C VAL A 245 4.49 -26.07 1.36
N ALA A 246 4.32 -24.82 1.82
CA ALA A 246 2.97 -24.24 1.86
C ALA A 246 2.36 -24.13 0.46
N THR A 247 3.14 -23.63 -0.50
CA THR A 247 2.66 -23.54 -1.87
C THR A 247 2.21 -24.90 -2.39
N LEU A 248 3.07 -25.92 -2.25
CA LEU A 248 2.73 -27.25 -2.75
C LEU A 248 1.53 -27.83 -2.03
N THR A 249 1.41 -27.56 -0.73
CA THR A 249 0.28 -28.12 0.03
C THR A 249 -1.03 -27.50 -0.43
N PHE A 250 -1.06 -26.18 -0.64
CA PHE A 250 -2.31 -25.57 -1.07
C PHE A 250 -2.69 -25.97 -2.48
N GLU A 251 -1.69 -26.19 -3.35
CA GLU A 251 -1.99 -26.74 -4.67
C GLU A 251 -2.67 -28.10 -4.56
N ALA A 252 -2.19 -28.93 -3.62
CA ALA A 252 -2.76 -30.26 -3.47
C ALA A 252 -4.19 -30.18 -2.92
N ILE A 253 -4.42 -29.31 -1.95
CA ILE A 253 -5.77 -29.12 -1.43
C ILE A 253 -6.71 -28.70 -2.55
N ALA A 254 -6.28 -27.77 -3.40
CA ALA A 254 -7.14 -27.33 -4.49
C ALA A 254 -7.58 -28.49 -5.37
N GLU A 255 -6.69 -29.46 -5.57
CA GLU A 255 -6.98 -30.64 -6.37
C GLU A 255 -7.52 -31.80 -5.53
N ARG A 256 -7.63 -31.60 -4.21
CA ARG A 256 -8.06 -32.66 -3.29
C ARG A 256 -7.21 -33.91 -3.45
N ARG A 257 -5.92 -33.70 -3.71
CA ARG A 257 -4.99 -34.81 -3.83
C ARG A 257 -4.61 -35.31 -2.44
N PHE A 258 -4.60 -36.63 -2.24
CA PHE A 258 -4.38 -37.15 -0.90
C PHE A 258 -2.90 -37.12 -0.51
N TYR A 259 -2.04 -37.75 -1.29
CA TYR A 259 -0.62 -37.82 -0.96
C TYR A 259 0.12 -36.56 -1.41
N ILE A 260 0.70 -35.81 -0.48
CA ILE A 260 1.46 -34.62 -0.79
C ILE A 260 2.91 -34.92 -0.46
N LEU A 261 3.67 -35.33 -1.47
CA LEU A 261 5.11 -35.57 -1.34
CA LEU A 261 5.11 -35.57 -1.34
C LEU A 261 5.83 -34.34 -1.89
N THR A 262 6.25 -33.45 -0.98
CA THR A 262 6.95 -32.25 -1.40
C THR A 262 8.34 -32.53 -1.94
N HIS A 263 8.95 -33.65 -1.56
CA HIS A 263 10.29 -34.03 -2.01
C HIS A 263 10.19 -35.40 -2.68
N PRO A 264 9.64 -35.47 -3.89
CA PRO A 264 9.41 -36.79 -4.51
C PRO A 264 10.68 -37.56 -4.80
N ALA A 265 11.85 -36.93 -4.67
CA ALA A 265 13.11 -37.65 -4.82
C ALA A 265 13.23 -38.79 -3.82
N ILE A 266 12.50 -38.71 -2.71
CA ILE A 266 12.54 -39.75 -1.69
C ILE A 266 11.98 -41.08 -2.18
N LEU A 267 11.28 -41.09 -3.32
CA LEU A 267 10.48 -42.26 -3.67
C LEU A 267 11.35 -43.48 -3.95
N ALA A 268 12.61 -43.29 -4.37
CA ALA A 268 13.50 -44.43 -4.54
C ALA A 268 13.70 -45.15 -3.22
N THR A 269 13.91 -44.40 -2.14
CA THR A 269 14.09 -45.00 -0.82
C THR A 269 12.80 -45.62 -0.32
N VAL A 270 11.66 -45.00 -0.60
CA VAL A 270 10.39 -45.56 -0.20
C VAL A 270 10.16 -46.89 -0.91
N ARG A 271 10.43 -46.93 -2.22
CA ARG A 271 10.30 -48.17 -2.98
C ARG A 271 11.15 -49.28 -2.39
N LEU A 272 12.34 -48.91 -1.88
CA LEU A 272 13.23 -49.91 -1.30
C LEU A 272 12.60 -50.57 -0.08
N ARG A 273 12.02 -49.76 0.82
CA ARG A 273 11.34 -50.29 1.99
C ARG A 273 10.16 -51.16 1.57
N HIS A 274 9.37 -50.68 0.59
CA HIS A 274 8.23 -51.46 0.14
C HIS A 274 8.68 -52.79 -0.45
N GLU A 275 9.80 -52.79 -1.16
CA GLU A 275 10.33 -54.03 -1.69
C GLU A 275 10.75 -54.98 -0.57
N ASP A 276 11.40 -54.47 0.48
CA ASP A 276 11.71 -55.29 1.65
C ASP A 276 10.47 -56.04 2.12
N ILE A 277 9.35 -55.32 2.26
CA ILE A 277 8.13 -55.90 2.79
C ILE A 277 7.56 -56.94 1.83
N GLU A 278 7.40 -56.55 0.57
CA GLU A 278 6.84 -57.46 -0.42
C GLU A 278 7.67 -58.74 -0.58
N LEU A 279 8.99 -58.64 -0.37
CA LEU A 279 9.88 -59.78 -0.48
C LEU A 279 10.14 -60.48 0.86
N GLN A 280 9.53 -59.99 1.95
CA GLN A 280 9.78 -60.55 3.27
C GLN A 280 11.28 -60.66 3.54
N ARG A 281 11.99 -59.59 3.16
CA ARG A 281 13.44 -59.49 3.24
C ARG A 281 13.81 -58.58 4.40
N ASN A 282 14.83 -58.97 5.17
CA ASN A 282 15.24 -58.16 6.31
C ASN A 282 15.54 -56.73 5.86
N PRO A 283 15.21 -55.73 6.68
CA PRO A 283 15.27 -54.34 6.23
C PRO A 283 16.63 -53.96 5.65
N THR A 284 16.60 -53.30 4.49
CA THR A 284 17.80 -52.81 3.82
C THR A 284 18.17 -51.46 4.39
N ASP A 285 19.46 -51.27 4.70
CA ASP A 285 19.98 -49.93 4.94
C ASP A 285 20.46 -49.34 3.61
N PRO A 286 19.85 -48.23 3.13
CA PRO A 286 20.23 -47.65 1.83
C PRO A 286 21.43 -46.68 1.83
N MET B 9 29.61 5.30 2.06
CA MET B 9 28.26 4.78 2.23
C MET B 9 27.59 5.34 3.48
N PHE B 10 26.26 5.31 3.49
CA PHE B 10 25.50 5.84 4.61
C PHE B 10 25.61 4.89 5.80
N GLU B 11 25.92 5.45 6.98
CA GLU B 11 26.11 4.67 8.20
C GLU B 11 24.80 4.60 8.98
N PHE B 12 24.44 3.40 9.43
CA PHE B 12 23.20 3.19 10.17
C PHE B 12 23.41 2.88 11.64
N ASP B 13 24.42 2.08 11.99
CA ASP B 13 24.56 1.61 13.35
C ASP B 13 24.76 2.79 14.30
N GLY B 14 23.93 2.85 15.34
CA GLY B 14 23.97 3.95 16.30
C GLY B 14 23.23 5.21 15.88
N LYS B 15 22.68 5.26 14.66
CA LYS B 15 21.93 6.40 14.17
C LYS B 15 20.44 6.27 14.53
N VAL B 16 19.72 7.38 14.38
CA VAL B 16 18.32 7.48 14.82
C VAL B 16 17.40 7.50 13.60
N ALA B 17 16.45 6.58 13.57
CA ALA B 17 15.42 6.52 12.54
C ALA B 17 14.06 6.88 13.14
N VAL B 18 13.34 7.76 12.46
CA VAL B 18 11.94 8.08 12.76
C VAL B 18 11.10 7.50 11.64
N ILE B 19 10.12 6.67 12.00
CA ILE B 19 9.30 5.96 11.03
C ILE B 19 7.84 6.21 11.34
N THR B 20 7.10 6.75 10.36
CA THR B 20 5.66 6.87 10.49
C THR B 20 4.98 5.68 9.83
N GLY B 21 3.77 5.37 10.31
CA GLY B 21 3.11 4.16 9.88
C GLY B 21 3.79 2.90 10.38
N ALA B 22 4.50 3.00 11.49
CA ALA B 22 5.34 1.92 12.01
C ALA B 22 4.56 0.76 12.62
N GLY B 23 3.23 0.88 12.77
CA GLY B 23 2.46 -0.19 13.36
C GLY B 23 2.20 -1.38 12.46
N SER B 24 2.46 -1.26 11.16
CA SER B 24 2.01 -2.26 10.21
C SER B 24 2.86 -2.14 8.95
N GLY B 25 2.76 -3.16 8.09
CA GLY B 25 3.27 -3.07 6.72
C GLY B 25 4.70 -2.59 6.57
N PHE B 26 4.93 -1.66 5.62
CA PHE B 26 6.28 -1.19 5.34
C PHE B 26 6.91 -0.57 6.59
N GLY B 27 6.17 0.26 7.31
CA GLY B 27 6.77 0.96 8.43
C GLY B 27 7.32 0.00 9.47
N ARG B 28 6.54 -1.03 9.80
CA ARG B 28 7.00 -2.05 10.73
C ARG B 28 8.25 -2.75 10.19
N ALA B 29 8.29 -3.02 8.89
CA ALA B 29 9.45 -3.68 8.29
C ALA B 29 10.68 -2.76 8.29
N PHE B 30 10.48 -1.46 8.04
CA PHE B 30 11.58 -0.50 8.20
C PHE B 30 12.14 -0.54 9.62
N ALA B 31 11.24 -0.61 10.61
CA ALA B 31 11.69 -0.61 11.99
C ALA B 31 12.47 -1.88 12.30
N GLU B 32 12.00 -3.02 11.81
CA GLU B 32 12.73 -4.28 11.99
C GLU B 32 14.09 -4.21 11.34
N LYS B 33 14.16 -3.70 10.11
CA LYS B 33 15.46 -3.61 9.43
C LYS B 33 16.37 -2.63 10.16
N GLY B 34 15.85 -1.47 10.55
CA GLY B 34 16.65 -0.52 11.31
C GLY B 34 17.18 -1.10 12.60
N ALA B 35 16.33 -1.83 13.34
CA ALA B 35 16.79 -2.49 14.54
C ALA B 35 17.94 -3.45 14.26
N SER B 36 17.83 -4.24 13.18
CA SER B 36 18.87 -5.22 12.86
C SER B 36 20.19 -4.55 12.49
N LEU B 37 20.16 -3.29 12.08
CA LEU B 37 21.37 -2.56 11.75
C LEU B 37 21.91 -1.78 12.93
N GLY B 38 21.24 -1.83 14.07
CA GLY B 38 21.68 -1.11 15.24
C GLY B 38 21.18 0.30 15.37
N MET B 39 20.12 0.65 14.63
CA MET B 39 19.57 2.00 14.74
C MET B 39 18.68 2.13 15.98
N LYS B 40 18.67 3.33 16.54
CA LYS B 40 17.69 3.71 17.55
C LYS B 40 16.41 4.14 16.86
N LEU B 41 15.26 3.71 17.39
CA LEU B 41 14.00 3.80 16.67
C LEU B 41 13.01 4.70 17.38
N VAL B 42 12.42 5.63 16.62
CA VAL B 42 11.28 6.44 17.04
C VAL B 42 10.12 6.08 16.12
N LEU B 43 9.15 5.33 16.63
CA LEU B 43 8.09 4.76 15.82
C LEU B 43 6.78 5.47 16.07
N ALA B 44 6.08 5.83 15.00
CA ALA B 44 4.88 6.67 15.08
C ALA B 44 3.74 6.05 14.28
N ASP B 45 2.53 6.14 14.83
CA ASP B 45 1.34 5.59 14.18
C ASP B 45 0.13 6.12 14.95
N VAL B 46 -1.00 6.18 14.27
CA VAL B 46 -2.26 6.53 14.94
C VAL B 46 -2.96 5.29 15.48
N ASP B 47 -2.57 4.09 15.04
CA ASP B 47 -3.11 2.83 15.51
C ASP B 47 -2.33 2.43 16.77
N GLU B 48 -2.84 2.83 17.93
CA GLU B 48 -2.11 2.68 19.18
CA GLU B 48 -2.05 2.68 19.15
C GLU B 48 -1.80 1.22 19.47
N GLY B 49 -2.77 0.33 19.22
CA GLY B 49 -2.58 -1.08 19.55
C GLY B 49 -1.49 -1.71 18.70
N ALA B 50 -1.54 -1.49 17.38
CA ALA B 50 -0.53 -2.02 16.48
C ALA B 50 0.85 -1.45 16.80
N LEU B 51 0.91 -0.14 17.08
CA LEU B 51 2.19 0.49 17.41
C LEU B 51 2.78 -0.08 18.68
N ALA B 52 1.96 -0.27 19.71
CA ALA B 52 2.44 -0.83 20.96
C ALA B 52 3.00 -2.24 20.76
N ARG B 53 2.33 -3.07 19.96
CA ARG B 53 2.84 -4.42 19.75
C ARG B 53 4.15 -4.39 18.99
N THR B 54 4.25 -3.54 17.95
CA THR B 54 5.50 -3.41 17.20
C THR B 54 6.65 -3.01 18.12
N VAL B 55 6.44 -1.97 18.93
CA VAL B 55 7.48 -1.49 19.84
C VAL B 55 7.87 -2.57 20.84
N ASP B 56 6.86 -3.23 21.44
CA ASP B 56 7.10 -4.24 22.45
C ASP B 56 8.01 -5.35 21.91
N THR B 57 7.67 -5.88 20.74
CA THR B 57 8.41 -6.99 20.16
C THR B 57 9.83 -6.58 19.78
N LEU B 58 9.99 -5.40 19.18
CA LEU B 58 11.34 -4.91 18.86
C LEU B 58 12.17 -4.71 20.12
N ARG B 59 11.59 -4.10 21.15
CA ARG B 59 12.33 -3.90 22.39
C ARG B 59 12.73 -5.23 23.02
N ALA B 60 11.82 -6.21 23.02
CA ALA B 60 12.13 -7.52 23.59
C ALA B 60 13.27 -8.19 22.85
N ALA B 61 13.41 -7.93 21.55
CA ALA B 61 14.55 -8.45 20.79
C ALA B 61 15.79 -7.57 20.90
N GLY B 62 15.76 -6.53 21.73
CA GLY B 62 16.94 -5.76 22.06
C GLY B 62 17.04 -4.36 21.46
N ALA B 63 16.01 -3.87 20.78
CA ALA B 63 16.09 -2.55 20.18
C ALA B 63 15.98 -1.46 21.23
N GLU B 64 16.66 -0.33 20.97
CA GLU B 64 16.37 0.95 21.62
C GLU B 64 15.27 1.63 20.82
N VAL B 65 14.06 1.69 21.37
CA VAL B 65 12.89 2.09 20.61
C VAL B 65 11.94 2.83 21.53
N ILE B 66 11.31 3.89 21.01
CA ILE B 66 10.14 4.49 21.64
C ILE B 66 9.01 4.53 20.63
N GLY B 67 7.78 4.42 21.13
CA GLY B 67 6.59 4.53 20.30
C GLY B 67 5.78 5.74 20.69
N VAL B 68 5.37 6.54 19.71
CA VAL B 68 4.67 7.80 19.96
C VAL B 68 3.44 7.82 19.07
N ARG B 69 2.26 7.70 19.68
CA ARG B 69 1.03 7.84 18.91
C ARG B 69 1.00 9.21 18.24
N THR B 70 0.84 9.21 16.92
CA THR B 70 0.97 10.43 16.12
C THR B 70 -0.02 10.36 14.96
N ASP B 71 -0.79 11.43 14.80
CA ASP B 71 -1.61 11.63 13.60
C ASP B 71 -0.80 12.53 12.68
N VAL B 72 -0.18 11.96 11.63
CA VAL B 72 0.76 12.70 10.82
C VAL B 72 0.09 13.82 10.03
N SER B 73 -1.23 13.76 9.85
CA SER B 73 -1.94 14.87 9.21
C SER B 73 -1.98 16.11 10.08
N ASN B 74 -1.60 15.99 11.35
CA ASN B 74 -1.68 17.09 12.31
C ASN B 74 -0.29 17.68 12.53
N GLY B 75 -0.08 18.92 12.07
CA GLY B 75 1.24 19.50 12.14
C GLY B 75 1.81 19.54 13.55
N ALA B 76 0.98 19.87 14.53
CA ALA B 76 1.46 19.93 15.91
C ALA B 76 1.94 18.57 16.40
N GLN B 77 1.28 17.50 15.97
CA GLN B 77 1.69 16.18 16.44
C GLN B 77 2.97 15.72 15.77
N VAL B 78 3.17 16.09 14.51
CA VAL B 78 4.46 15.80 13.88
C VAL B 78 5.57 16.55 14.60
N GLN B 79 5.33 17.81 14.94
CA GLN B 79 6.31 18.56 15.74
C GLN B 79 6.55 17.87 17.08
N ALA B 80 5.50 17.34 17.71
CA ALA B 80 5.66 16.65 18.98
C ALA B 80 6.49 15.38 18.81
N LEU B 81 6.36 14.72 17.65
CA LEU B 81 7.15 13.53 17.36
C LEU B 81 8.63 13.86 17.26
N ALA B 82 8.98 14.97 16.59
CA ALA B 82 10.37 15.40 16.55
C ALA B 82 10.87 15.71 17.95
N ASP B 83 10.06 16.39 18.77
CA ASP B 83 10.47 16.72 20.13
C ASP B 83 10.74 15.46 20.95
N ALA B 84 9.88 14.44 20.80
CA ALA B 84 10.11 13.18 21.51
C ALA B 84 11.37 12.48 21.00
N ALA B 85 11.60 12.53 19.68
CA ALA B 85 12.81 11.95 19.12
C ALA B 85 14.06 12.59 19.71
N LEU B 86 14.12 13.92 19.67
CA LEU B 86 15.30 14.62 20.18
C LEU B 86 15.45 14.43 21.69
N GLU B 87 14.33 14.39 22.42
CA GLU B 87 14.40 14.17 23.86
C GLU B 87 14.93 12.78 24.19
N ALA B 88 14.55 11.76 23.41
CA ALA B 88 15.00 10.41 23.70
C ALA B 88 16.42 10.15 23.20
N PHE B 89 16.77 10.64 22.01
CA PHE B 89 18.03 10.24 21.39
C PHE B 89 18.90 11.39 20.91
N GLY B 90 18.44 12.65 21.01
CA GLY B 90 19.27 13.80 20.70
C GLY B 90 19.46 14.14 19.24
N LYS B 91 19.14 13.23 18.32
CA LYS B 91 19.43 13.38 16.91
C LYS B 91 18.31 12.70 16.11
N VAL B 92 18.18 13.10 14.85
CA VAL B 92 17.38 12.38 13.86
C VAL B 92 18.22 12.26 12.60
N HIS B 93 18.46 11.02 12.15
CA HIS B 93 19.28 10.81 10.97
C HIS B 93 18.53 10.26 9.78
N LEU B 94 17.48 9.49 10.03
CA LEU B 94 16.69 8.86 8.98
CA LEU B 94 16.70 8.86 8.98
C LEU B 94 15.22 9.12 9.28
N LEU B 95 14.49 9.64 8.29
CA LEU B 95 13.06 9.88 8.42
C LEU B 95 12.34 9.15 7.31
N PHE B 96 11.38 8.30 7.68
CA PHE B 96 10.52 7.62 6.73
C PHE B 96 9.12 8.25 6.83
N ASN B 97 8.76 9.11 5.88
CA ASN B 97 7.40 9.65 5.80
C ASN B 97 6.57 8.64 5.04
N ASN B 98 6.01 7.68 5.76
CA ASN B 98 5.54 6.44 5.18
C ASN B 98 4.06 6.15 5.43
N ALA B 99 3.48 6.65 6.52
CA ALA B 99 2.04 6.48 6.75
C ALA B 99 1.25 6.87 5.51
N GLY B 100 0.20 6.11 5.24
CA GLY B 100 -0.66 6.43 4.11
C GLY B 100 -1.98 5.70 4.22
N VAL B 101 -2.97 6.23 3.51
CA VAL B 101 -4.31 5.65 3.44
C VAL B 101 -4.77 5.72 1.99
N GLY B 102 -5.95 5.16 1.73
CA GLY B 102 -6.48 5.20 0.38
C GLY B 102 -7.98 5.10 0.35
N ALA B 103 -8.55 5.45 -0.79
CA ALA B 103 -9.95 5.28 -1.10
C ALA B 103 -10.09 5.13 -2.60
N GLY B 104 -11.13 4.44 -3.05
CA GLY B 104 -11.29 4.17 -4.46
C GLY B 104 -12.71 4.42 -4.93
N GLY B 105 -12.94 4.14 -6.20
CA GLY B 105 -14.22 4.39 -6.83
C GLY B 105 -14.11 5.48 -7.88
N PHE B 106 -15.13 5.53 -8.75
CA PHE B 106 -15.23 6.59 -9.74
C PHE B 106 -14.95 7.93 -9.10
N LEU B 107 -14.11 8.74 -9.74
CA LEU B 107 -13.54 9.90 -9.06
C LEU B 107 -14.62 10.83 -8.51
N TRP B 108 -15.67 11.10 -9.29
CA TRP B 108 -16.72 12.03 -8.89
C TRP B 108 -17.64 11.48 -7.81
N GLU B 109 -17.63 10.17 -7.56
CA GLU B 109 -18.48 9.62 -6.51
C GLU B 109 -17.90 9.77 -5.11
N SER B 110 -16.61 10.06 -4.99
CA SER B 110 -15.99 10.23 -3.68
C SER B 110 -16.44 11.53 -3.03
N SER B 111 -16.38 11.58 -1.71
CA SER B 111 -16.83 12.74 -0.97
C SER B 111 -15.69 13.73 -0.75
N ALA B 112 -16.07 14.97 -0.38
CA ALA B 112 -15.06 15.93 0.08
C ALA B 112 -14.25 15.35 1.24
N ASN B 113 -14.91 14.62 2.14
CA ASN B 113 -14.19 14.00 3.26
C ASN B 113 -13.15 13.00 2.77
N ASP B 114 -13.46 12.27 1.69
CA ASP B 114 -12.48 11.34 1.15
C ASP B 114 -11.22 12.07 0.70
N TRP B 115 -11.40 13.16 -0.03
CA TRP B 115 -10.25 13.96 -0.46
C TRP B 115 -9.46 14.49 0.74
N ALA B 116 -10.16 15.07 1.71
CA ALA B 116 -9.47 15.62 2.88
C ALA B 116 -8.71 14.54 3.65
N TRP B 117 -9.29 13.34 3.77
CA TRP B 117 -8.65 12.28 4.52
C TRP B 117 -7.37 11.82 3.82
N VAL B 118 -7.47 11.44 2.55
CA VAL B 118 -6.32 10.89 1.84
C VAL B 118 -5.24 11.93 1.70
N PHE B 119 -5.60 13.16 1.35
CA PHE B 119 -4.57 14.17 1.16
C PHE B 119 -3.98 14.61 2.50
N GLY B 120 -4.77 14.56 3.57
CA GLY B 120 -4.24 14.92 4.88
C GLY B 120 -3.15 13.97 5.33
N VAL B 121 -3.33 12.67 5.10
CA VAL B 121 -2.29 11.72 5.50
C VAL B 121 -1.19 11.66 4.45
N ASN B 122 -1.57 11.43 3.20
CA ASN B 122 -0.61 11.07 2.17
C ASN B 122 0.23 12.25 1.69
N VAL B 123 -0.33 13.45 1.70
CA VAL B 123 0.42 14.62 1.26
C VAL B 123 0.84 15.45 2.47
N MET B 124 -0.13 15.91 3.26
CA MET B 124 0.20 16.78 4.38
C MET B 124 1.08 16.09 5.41
N GLY B 125 0.88 14.79 5.63
CA GLY B 125 1.76 14.07 6.55
C GLY B 125 3.21 14.12 6.10
N VAL B 126 3.44 13.90 4.81
CA VAL B 126 4.78 14.01 4.25
C VAL B 126 5.28 15.44 4.36
N ALA B 127 4.40 16.40 4.05
CA ALA B 127 4.77 17.81 4.10
C ALA B 127 5.19 18.22 5.51
N HIS B 128 4.40 17.84 6.52
CA HIS B 128 4.77 18.16 7.89
C HIS B 128 6.10 17.50 8.25
N GLY B 129 6.28 16.24 7.83
CA GLY B 129 7.54 15.55 8.11
C GLY B 129 8.73 16.30 7.55
N VAL B 130 8.66 16.69 6.28
CA VAL B 130 9.75 17.46 5.68
C VAL B 130 9.94 18.78 6.38
N ARG B 131 8.85 19.52 6.60
CA ARG B 131 8.94 20.84 7.19
C ARG B 131 9.53 20.80 8.60
N VAL B 132 9.15 19.80 9.39
CA VAL B 132 9.60 19.73 10.77
C VAL B 132 11.03 19.19 10.86
N PHE B 133 11.33 18.13 10.13
CA PHE B 133 12.58 17.40 10.37
C PHE B 133 13.73 17.87 9.48
N ALA B 134 13.46 18.36 8.26
CA ALA B 134 14.56 18.83 7.43
C ALA B 134 15.39 19.92 8.11
N PRO B 135 14.80 20.95 8.75
CA PRO B 135 15.66 21.92 9.46
C PRO B 135 16.49 21.30 10.56
N ILE B 136 15.91 20.34 11.30
CA ILE B 136 16.66 19.66 12.34
C ILE B 136 17.87 18.96 11.73
N MET B 137 17.64 18.21 10.64
CA MET B 137 18.72 17.47 10.02
C MET B 137 19.78 18.40 9.44
N LEU B 138 19.36 19.49 8.80
CA LEU B 138 20.32 20.43 8.25
C LEU B 138 21.18 21.06 9.35
N GLY B 139 20.59 21.34 10.51
CA GLY B 139 21.34 21.96 11.58
C GLY B 139 22.34 21.05 12.28
N GLN B 140 22.24 19.74 12.07
CA GLN B 140 23.12 18.81 12.76
C GLN B 140 24.52 18.71 12.16
N ASN B 141 24.70 19.13 10.90
CA ASN B 141 25.98 18.96 10.19
C ASN B 141 26.41 17.50 10.14
N GLU B 142 25.44 16.61 9.94
CA GLU B 142 25.69 15.19 9.85
C GLU B 142 24.96 14.64 8.65
N ALA B 143 25.44 13.48 8.17
CA ALA B 143 24.71 12.75 7.15
C ALA B 143 23.31 12.42 7.65
N ALA B 144 22.32 12.72 6.81
CA ALA B 144 20.93 12.41 7.13
C ALA B 144 20.19 12.19 5.82
N HIS B 145 19.02 11.57 5.92
CA HIS B 145 18.30 11.16 4.72
C HIS B 145 16.81 11.04 5.04
N ILE B 146 15.98 11.54 4.12
CA ILE B 146 14.53 11.48 4.21
C ILE B 146 14.00 10.59 3.10
N VAL B 147 13.18 9.59 3.47
CA VAL B 147 12.56 8.69 2.50
C VAL B 147 11.06 8.90 2.56
N ASN B 148 10.47 9.24 1.42
CA ASN B 148 9.03 9.40 1.29
C ASN B 148 8.46 8.22 0.52
N THR B 149 7.43 7.57 1.09
CA THR B 149 6.77 6.47 0.40
C THR B 149 5.69 7.02 -0.51
N ALA B 150 5.91 6.90 -1.82
CA ALA B 150 4.82 7.18 -2.75
C ALA B 150 4.20 5.83 -3.13
N SER B 151 4.34 5.43 -4.39
CA SER B 151 3.71 4.23 -4.92
C SER B 151 3.95 4.21 -6.41
N VAL B 152 3.80 3.06 -7.08
CA VAL B 152 3.66 3.11 -8.54
C VAL B 152 2.44 3.91 -8.95
N ALA B 153 1.45 4.07 -8.05
CA ALA B 153 0.33 4.96 -8.31
C ALA B 153 0.72 6.43 -8.36
N GLY B 154 1.94 6.77 -7.98
CA GLY B 154 2.46 8.10 -8.22
C GLY B 154 3.15 8.25 -9.56
N LEU B 155 3.26 7.15 -10.29
CA LEU B 155 3.86 7.14 -11.62
C LEU B 155 2.87 6.78 -12.70
N LEU B 156 1.70 6.24 -12.34
CA LEU B 156 0.64 5.80 -13.23
C LEU B 156 -0.66 6.42 -12.75
N SER B 157 -1.72 6.25 -13.54
CA SER B 157 -3.06 6.72 -13.15
C SER B 157 -4.06 5.59 -13.41
N PRO B 158 -4.03 4.54 -12.58
CA PRO B 158 -4.98 3.44 -12.75
C PRO B 158 -6.40 3.90 -12.44
N PRO B 159 -7.40 3.31 -13.10
CA PRO B 159 -8.78 3.77 -12.90
C PRO B 159 -9.32 3.47 -11.50
N SER B 160 -10.27 4.31 -11.09
CA SER B 160 -11.02 4.17 -9.83
C SER B 160 -10.16 4.34 -8.58
N MET B 161 -9.00 5.00 -8.72
CA MET B 161 -8.08 5.26 -7.62
CA MET B 161 -8.11 5.28 -7.60
CA MET B 161 -8.12 5.28 -7.59
C MET B 161 -7.60 6.72 -7.64
N GLY B 162 -8.37 7.61 -8.26
CA GLY B 162 -7.88 8.95 -8.59
C GLY B 162 -7.44 9.79 -7.40
N ILE B 163 -8.11 9.65 -6.26
CA ILE B 163 -7.70 10.44 -5.09
C ILE B 163 -6.36 9.95 -4.59
N TYR B 164 -6.21 8.63 -4.50
CA TYR B 164 -4.95 8.04 -4.09
C TYR B 164 -3.84 8.33 -5.10
N ASN B 165 -4.13 8.13 -6.38
CA ASN B 165 -3.17 8.44 -7.44
C ASN B 165 -2.67 9.88 -7.31
N ALA B 166 -3.61 10.82 -7.19
CA ALA B 166 -3.27 12.24 -7.14
C ALA B 166 -2.35 12.53 -5.96
N SER B 167 -2.67 11.94 -4.80
CA SER B 167 -1.84 12.18 -3.62
C SER B 167 -0.44 11.63 -3.82
N LYS B 168 -0.32 10.50 -4.49
CA LYS B 168 0.99 9.89 -4.69
C LYS B 168 1.80 10.60 -5.78
N HIS B 169 1.14 11.13 -6.81
CA HIS B 169 1.89 11.97 -7.75
C HIS B 169 2.38 13.23 -7.07
N ALA B 170 1.61 13.76 -6.11
CA ALA B 170 2.08 14.90 -5.32
C ALA B 170 3.33 14.54 -4.52
N VAL B 171 3.34 13.36 -3.89
CA VAL B 171 4.52 12.92 -3.14
C VAL B 171 5.71 12.76 -4.07
N VAL B 172 5.49 12.18 -5.26
CA VAL B 172 6.58 12.01 -6.22
C VAL B 172 7.24 13.34 -6.52
N SER B 173 6.45 14.33 -6.96
CA SER B 173 7.03 15.59 -7.40
C SER B 173 7.58 16.41 -6.24
N LEU B 174 6.91 16.39 -5.07
CA LEU B 174 7.47 17.13 -3.95
C LEU B 174 8.81 16.54 -3.56
N THR B 175 8.97 15.23 -3.66
CA THR B 175 10.22 14.60 -3.27
C THR B 175 11.29 14.86 -4.33
N GLU B 176 10.91 14.83 -5.61
CA GLU B 176 11.85 15.21 -6.65
C GLU B 176 12.34 16.64 -6.46
N THR B 177 11.41 17.55 -6.08
CA THR B 177 11.83 18.93 -5.85
C THR B 177 12.72 19.04 -4.64
N LEU B 178 12.38 18.31 -3.57
CA LEU B 178 13.22 18.30 -2.38
C LEU B 178 14.64 17.84 -2.71
N TYR B 179 14.77 16.88 -3.62
CA TYR B 179 16.10 16.42 -4.04
C TYR B 179 16.92 17.59 -4.57
N HIS B 180 16.32 18.41 -5.42
CA HIS B 180 17.06 19.55 -5.96
C HIS B 180 17.26 20.64 -4.91
N ASP B 181 16.26 20.86 -4.06
CA ASP B 181 16.38 21.92 -3.05
C ASP B 181 17.49 21.60 -2.07
N LEU B 182 17.58 20.34 -1.65
CA LEU B 182 18.62 19.97 -0.69
C LEU B 182 20.00 20.14 -1.30
N ARG B 183 20.13 19.86 -2.60
CA ARG B 183 21.42 20.08 -3.24
C ARG B 183 21.73 21.57 -3.38
N ASN B 184 20.70 22.39 -3.64
CA ASN B 184 20.93 23.82 -3.79
C ASN B 184 21.27 24.47 -2.45
N ALA B 185 20.58 24.07 -1.38
CA ALA B 185 20.94 24.57 -0.05
C ALA B 185 22.32 24.08 0.38
N GLY B 186 22.75 22.92 -0.11
CA GLY B 186 24.01 22.35 0.28
C GLY B 186 23.90 21.56 1.58
N GLY B 187 24.92 20.75 1.83
CA GLY B 187 24.96 19.99 3.06
C GLY B 187 24.87 18.49 2.81
N GLU B 188 24.71 17.75 3.91
CA GLU B 188 24.78 16.29 3.89
C GLU B 188 23.43 15.61 4.02
N VAL B 189 22.34 16.35 3.90
CA VAL B 189 21.01 15.76 3.97
C VAL B 189 20.54 15.43 2.55
N GLY B 190 20.07 14.21 2.35
CA GLY B 190 19.59 13.77 1.05
C GLY B 190 18.19 13.19 1.14
N CYS B 191 17.67 12.64 0.04
CA CYS B 191 16.33 12.07 0.12
C CYS B 191 16.16 11.01 -0.96
N SER B 192 15.14 10.15 -0.76
CA SER B 192 14.81 9.09 -1.70
C SER B 192 13.30 8.97 -1.81
N LEU B 193 12.86 8.36 -2.91
CA LEU B 193 11.45 8.24 -3.25
C LEU B 193 11.14 6.78 -3.47
N LEU B 194 10.28 6.20 -2.61
CA LEU B 194 9.96 4.78 -2.66
C LEU B 194 8.63 4.57 -3.40
N CYS B 195 8.66 3.76 -4.47
CA CYS B 195 7.50 3.56 -5.34
C CYS B 195 7.20 2.08 -5.55
N PRO B 196 6.60 1.41 -4.57
CA PRO B 196 6.31 -0.02 -4.70
C PRO B 196 5.00 -0.29 -5.43
N ALA B 197 4.91 -1.51 -5.96
CA ALA B 197 3.65 -2.07 -6.41
C ALA B 197 3.02 -2.83 -5.24
N PHE B 198 1.98 -3.61 -5.52
CA PHE B 198 1.19 -4.19 -4.43
C PHE B 198 2.03 -5.13 -3.57
N VAL B 199 1.92 -4.97 -2.25
CA VAL B 199 2.62 -5.78 -1.25
C VAL B 199 1.62 -6.11 -0.15
N PRO B 200 1.58 -7.37 0.40
CA PRO B 200 0.64 -7.67 1.49
C PRO B 200 0.88 -6.81 2.72
N THR B 201 -0.02 -5.85 2.96
CA THR B 201 -0.02 -5.01 4.16
C THR B 201 -1.48 -4.77 4.56
N GLY B 202 -1.70 -3.81 5.45
CA GLY B 202 -3.02 -3.38 5.83
C GLY B 202 -3.61 -2.27 4.99
N ILE B 203 -2.96 -1.88 3.89
CA ILE B 203 -3.33 -0.64 3.20
C ILE B 203 -4.74 -0.73 2.64
N ALA B 204 -5.20 -1.93 2.29
CA ALA B 204 -6.56 -2.07 1.79
C ALA B 204 -7.60 -1.95 2.90
N ASP B 205 -7.16 -1.99 4.15
CA ASP B 205 -8.04 -1.81 5.30
C ASP B 205 -7.89 -0.44 5.94
N ALA B 206 -7.47 0.57 5.16
CA ALA B 206 -7.18 1.89 5.73
C ALA B 206 -8.38 2.50 6.42
N GLU B 207 -9.60 2.11 6.06
CA GLU B 207 -10.79 2.68 6.70
C GLU B 207 -10.77 2.51 8.20
N ARG B 208 -10.00 1.53 8.71
CA ARG B 208 -9.95 1.29 10.15
C ARG B 208 -9.37 2.50 10.90
N VAL B 209 -8.56 3.34 10.23
CA VAL B 209 -7.99 4.51 10.88
C VAL B 209 -8.49 5.81 10.26
N ARG B 210 -9.62 5.79 9.56
CA ARG B 210 -10.23 7.05 9.14
C ARG B 210 -10.79 7.74 10.37
N PRO B 211 -10.48 9.02 10.59
CA PRO B 211 -11.00 9.72 11.77
C PRO B 211 -12.51 9.89 11.68
N GLU B 212 -13.15 9.90 12.85
CA GLU B 212 -14.61 9.96 12.88
C GLU B 212 -15.14 11.19 12.19
N ALA B 213 -14.42 12.31 12.29
CA ALA B 213 -14.90 13.55 11.69
C ALA B 213 -14.94 13.49 10.16
N LEU B 214 -14.20 12.58 9.55
CA LEU B 214 -14.19 12.46 8.09
C LEU B 214 -14.98 11.25 7.60
N ARG B 215 -15.81 10.64 8.44
CA ARG B 215 -16.63 9.52 7.98
C ARG B 215 -17.67 9.98 6.97
N ASN B 216 -18.10 9.03 6.15
CA ASN B 216 -19.13 9.24 5.13
C ASN B 216 -20.46 8.74 5.66
N GLU B 217 -21.47 9.62 5.69
CA GLU B 217 -22.80 9.15 6.06
C GLU B 217 -23.38 8.25 4.97
N ALA B 218 -23.04 8.50 3.71
CA ALA B 218 -23.62 7.78 2.59
C ALA B 218 -23.11 6.34 2.50
N GLN B 219 -23.94 5.47 1.92
CA GLN B 219 -23.53 4.11 1.59
C GLN B 219 -22.49 4.12 0.48
N PRO B 220 -21.59 3.13 0.47
CA PRO B 220 -20.62 3.04 -0.63
C PRO B 220 -21.30 2.68 -1.94
N THR B 221 -20.77 3.20 -3.04
CA THR B 221 -21.35 2.95 -4.36
C THR B 221 -20.84 1.64 -4.94
N ARG B 222 -21.48 1.21 -6.03
CA ARG B 222 -21.01 0.03 -6.76
C ARG B 222 -19.52 0.15 -7.12
N SER B 223 -19.12 1.27 -7.74
CA SER B 223 -17.73 1.39 -8.17
C SER B 223 -16.78 1.47 -6.97
N GLN B 224 -17.25 1.99 -5.83
CA GLN B 224 -16.38 2.01 -4.66
C GLN B 224 -16.20 0.61 -4.09
N LEU B 225 -17.28 -0.17 -4.03
CA LEU B 225 -17.18 -1.56 -3.59
C LEU B 225 -16.23 -2.34 -4.49
N ALA B 226 -16.35 -2.16 -5.80
CA ALA B 226 -15.52 -2.90 -6.74
C ALA B 226 -14.04 -2.52 -6.58
N ALA B 227 -13.77 -1.23 -6.42
CA ALA B 227 -12.40 -0.78 -6.20
C ALA B 227 -11.83 -1.35 -4.91
N ASP B 228 -12.64 -1.39 -3.84
CA ASP B 228 -12.16 -1.92 -2.57
C ASP B 228 -11.80 -3.39 -2.68
N ARG B 229 -12.65 -4.17 -3.34
CA ARG B 229 -12.40 -5.60 -3.42
C ARG B 229 -11.23 -5.91 -4.34
N GLN B 230 -11.09 -5.14 -5.43
CA GLN B 230 -9.93 -5.33 -6.30
C GLN B 230 -8.65 -5.01 -5.56
N LEU B 231 -8.65 -3.91 -4.78
CA LEU B 231 -7.46 -3.56 -4.02
C LEU B 231 -7.15 -4.61 -2.95
N GLN B 232 -8.18 -5.13 -2.27
CA GLN B 232 -7.95 -6.20 -1.30
C GLN B 232 -7.24 -7.37 -1.95
N ARG B 233 -7.69 -7.78 -3.13
CA ARG B 233 -7.10 -8.92 -3.82
C ARG B 233 -5.68 -8.63 -4.28
N ALA B 234 -5.44 -7.45 -4.84
CA ALA B 234 -4.13 -7.14 -5.40
C ALA B 234 -3.09 -7.07 -4.28
N VAL B 235 -3.45 -6.42 -3.18
CA VAL B 235 -2.53 -6.27 -2.05
C VAL B 235 -2.19 -7.63 -1.46
N ARG B 236 -3.20 -8.44 -1.17
CA ARG B 236 -2.92 -9.69 -0.46
C ARG B 236 -2.12 -10.66 -1.31
N SER B 237 -2.12 -10.50 -2.63
CA SER B 237 -1.46 -11.42 -3.55
CA SER B 237 -1.43 -11.45 -3.50
C SER B 237 -0.08 -10.96 -3.99
N GLY B 238 0.40 -9.82 -3.49
CA GLY B 238 1.73 -9.37 -3.88
C GLY B 238 2.81 -10.40 -3.56
N LYS B 239 3.75 -10.57 -4.49
CA LYS B 239 4.75 -11.63 -4.35
C LYS B 239 5.95 -11.21 -3.51
N LEU B 240 6.27 -9.91 -3.46
CA LEU B 240 7.26 -9.38 -2.52
C LEU B 240 6.58 -8.99 -1.22
N GLY B 241 7.27 -9.24 -0.10
CA GLY B 241 6.75 -8.88 1.21
C GLY B 241 7.31 -7.55 1.71
N ALA B 242 6.72 -7.09 2.81
CA ALA B 242 7.19 -5.84 3.41
C ALA B 242 8.66 -5.93 3.79
N THR B 243 9.11 -7.11 4.24
CA THR B 243 10.53 -7.30 4.53
C THR B 243 11.40 -7.02 3.31
N ASP B 244 10.96 -7.49 2.13
CA ASP B 244 11.73 -7.27 0.91
C ASP B 244 11.78 -5.78 0.57
N VAL B 245 10.65 -5.09 0.70
CA VAL B 245 10.63 -3.66 0.47
C VAL B 245 11.63 -2.96 1.40
N ALA B 246 11.66 -3.38 2.66
CA ALA B 246 12.60 -2.76 3.59
C ALA B 246 14.04 -3.04 3.18
N THR B 247 14.34 -4.28 2.80
CA THR B 247 15.70 -4.60 2.37
C THR B 247 16.12 -3.73 1.21
N LEU B 248 15.29 -3.66 0.16
CA LEU B 248 15.64 -2.86 -1.01
C LEU B 248 15.73 -1.39 -0.68
N THR B 249 14.85 -0.90 0.20
CA THR B 249 14.87 0.52 0.55
C THR B 249 16.18 0.88 1.25
N PHE B 250 16.61 0.07 2.23
CA PHE B 250 17.85 0.38 2.92
C PHE B 250 19.07 0.27 2.00
N GLU B 251 19.06 -0.69 1.06
CA GLU B 251 20.13 -0.73 0.07
C GLU B 251 20.20 0.57 -0.72
N ALA B 252 19.03 1.11 -1.11
CA ALA B 252 19.03 2.37 -1.86
C ALA B 252 19.55 3.52 -1.00
N ILE B 253 19.11 3.60 0.26
CA ILE B 253 19.60 4.64 1.16
C ILE B 253 21.11 4.56 1.28
N ALA B 254 21.64 3.34 1.43
CA ALA B 254 23.07 3.16 1.61
C ALA B 254 23.86 3.83 0.49
N GLU B 255 23.37 3.73 -0.75
CA GLU B 255 24.02 4.34 -1.89
C GLU B 255 23.39 5.68 -2.27
N ARG B 256 22.48 6.17 -1.42
CA ARG B 256 21.81 7.47 -1.62
C ARG B 256 21.15 7.56 -2.98
N ARG B 257 20.57 6.46 -3.43
CA ARG B 257 19.85 6.44 -4.69
C ARG B 257 18.46 7.03 -4.50
N PHE B 258 18.03 7.88 -5.43
CA PHE B 258 16.77 8.60 -5.25
C PHE B 258 15.55 7.71 -5.55
N TYR B 259 15.45 7.18 -6.77
CA TYR B 259 14.28 6.40 -7.15
C TYR B 259 14.40 4.97 -6.65
N ILE B 260 13.44 4.52 -5.86
CA ILE B 260 13.42 3.14 -5.39
C ILE B 260 12.19 2.48 -5.98
N LEU B 261 12.37 1.74 -7.07
CA LEU B 261 11.29 0.99 -7.72
C LEU B 261 11.52 -0.48 -7.36
N THR B 262 10.88 -0.91 -6.27
CA THR B 262 11.04 -2.28 -5.81
C THR B 262 10.43 -3.30 -6.77
N HIS B 263 9.48 -2.90 -7.60
CA HIS B 263 8.79 -3.78 -8.54
C HIS B 263 9.05 -3.27 -9.96
N PRO B 264 10.23 -3.54 -10.52
CA PRO B 264 10.57 -2.96 -11.84
C PRO B 264 9.71 -3.51 -12.97
N ALA B 265 8.96 -4.58 -12.76
CA ALA B 265 8.03 -5.03 -13.78
C ALA B 265 7.02 -3.94 -14.15
N ILE B 266 6.81 -2.95 -13.27
CA ILE B 266 5.89 -1.85 -13.57
C ILE B 266 6.37 -0.98 -14.73
N LEU B 267 7.62 -1.10 -15.13
CA LEU B 267 8.21 -0.13 -16.05
C LEU B 267 7.54 -0.16 -17.43
N ALA B 268 7.01 -1.30 -17.88
CA ALA B 268 6.33 -1.31 -19.17
C ALA B 268 5.14 -0.34 -19.18
N THR B 269 4.34 -0.35 -18.12
CA THR B 269 3.18 0.54 -18.13
CA THR B 269 3.16 0.51 -18.05
C THR B 269 3.54 1.96 -17.73
N VAL B 270 4.64 2.17 -17.01
CA VAL B 270 5.11 3.54 -16.81
C VAL B 270 5.59 4.13 -18.14
N ARG B 271 6.32 3.34 -18.92
CA ARG B 271 6.75 3.82 -20.23
C ARG B 271 5.55 4.16 -21.11
N LEU B 272 4.47 3.38 -21.01
CA LEU B 272 3.28 3.64 -21.82
C LEU B 272 2.67 5.00 -21.48
N ARG B 273 2.53 5.30 -20.19
CA ARG B 273 2.04 6.61 -19.77
C ARG B 273 2.97 7.73 -20.24
N HIS B 274 4.29 7.53 -20.09
CA HIS B 274 5.22 8.57 -20.50
C HIS B 274 5.12 8.84 -21.99
N GLU B 275 4.93 7.79 -22.80
CA GLU B 275 4.85 8.02 -24.23
C GLU B 275 3.50 8.62 -24.62
N ASP B 276 2.44 8.33 -23.86
CA ASP B 276 1.19 9.07 -24.05
C ASP B 276 1.46 10.56 -23.95
N ILE B 277 2.12 10.97 -22.86
CA ILE B 277 2.39 12.38 -22.62
C ILE B 277 3.29 12.93 -23.71
N GLU B 278 4.40 12.23 -23.98
CA GLU B 278 5.39 12.73 -24.95
C GLU B 278 4.82 12.85 -26.35
N LEU B 279 3.85 12.01 -26.71
CA LEU B 279 3.21 12.08 -28.01
C LEU B 279 1.93 12.89 -28.00
N GLN B 280 1.51 13.42 -26.83
CA GLN B 280 0.24 14.17 -26.69
C GLN B 280 -0.93 13.28 -27.08
N ARG B 281 -0.80 12.00 -26.74
CA ARG B 281 -1.70 10.91 -27.05
C ARG B 281 -2.73 10.80 -25.93
N ASN B 282 -4.00 10.58 -26.30
CA ASN B 282 -4.99 10.37 -25.25
C ASN B 282 -4.59 9.16 -24.40
N PRO B 283 -4.78 9.22 -23.08
CA PRO B 283 -4.25 8.15 -22.21
C PRO B 283 -4.68 6.77 -22.69
N THR B 284 -3.70 5.89 -22.88
CA THR B 284 -3.98 4.54 -23.37
C THR B 284 -4.83 3.77 -22.36
N ASP B 285 -5.91 3.15 -22.83
CA ASP B 285 -6.77 2.39 -21.92
C ASP B 285 -5.96 1.32 -21.21
N PRO B 286 -6.15 1.15 -19.90
CA PRO B 286 -5.49 0.04 -19.20
C PRO B 286 -6.07 -1.30 -19.62
N LEU B 287 -5.22 -2.33 -19.58
CA LEU B 287 -5.70 -3.66 -19.90
C LEU B 287 -6.69 -4.15 -18.83
N SER B 288 -7.51 -5.13 -19.22
CA SER B 288 -8.43 -5.75 -18.28
C SER B 288 -7.66 -6.44 -17.16
N LEU B 289 -8.22 -6.37 -15.96
CA LEU B 289 -7.63 -7.03 -14.79
C LEU B 289 -8.27 -8.39 -14.58
N MET C 9 -16.25 16.00 -33.25
CA MET C 9 -16.33 17.46 -33.15
C MET C 9 -17.26 17.92 -32.03
N PHE C 10 -16.68 18.35 -30.90
CA PHE C 10 -17.45 18.96 -29.81
C PHE C 10 -17.83 20.39 -30.19
N GLU C 11 -19.12 20.71 -30.08
CA GLU C 11 -19.68 21.96 -30.57
C GLU C 11 -20.03 22.89 -29.42
N PHE C 12 -19.81 24.20 -29.62
CA PHE C 12 -19.86 25.18 -28.55
C PHE C 12 -21.05 26.14 -28.60
N ASP C 13 -21.55 26.47 -29.79
CA ASP C 13 -22.60 27.46 -29.92
C ASP C 13 -23.82 27.10 -29.07
N GLY C 14 -24.29 28.07 -28.28
CA GLY C 14 -25.45 27.87 -27.43
C GLY C 14 -25.23 27.03 -26.19
N LYS C 15 -24.06 26.43 -26.00
CA LYS C 15 -23.77 25.62 -24.82
C LYS C 15 -23.30 26.49 -23.66
N VAL C 16 -23.26 25.89 -22.46
CA VAL C 16 -23.00 26.61 -21.21
C VAL C 16 -21.62 26.27 -20.70
N ALA C 17 -20.83 27.29 -20.41
CA ALA C 17 -19.48 27.11 -19.87
C ALA C 17 -19.42 27.72 -18.47
N VAL C 18 -18.90 26.93 -17.53
CA VAL C 18 -18.56 27.41 -16.20
C VAL C 18 -17.04 27.54 -16.14
N ILE C 19 -16.55 28.72 -15.75
CA ILE C 19 -15.12 29.04 -15.76
C ILE C 19 -14.73 29.58 -14.40
N THR C 20 -13.79 28.91 -13.73
CA THR C 20 -13.27 29.48 -12.49
C THR C 20 -11.99 30.26 -12.78
N GLY C 21 -11.66 31.17 -11.87
CA GLY C 21 -10.57 32.10 -12.11
C GLY C 21 -10.87 33.08 -13.22
N ALA C 22 -12.14 33.43 -13.41
CA ALA C 22 -12.57 34.20 -14.57
C ALA C 22 -12.19 35.67 -14.52
N GLY C 23 -11.64 36.15 -13.41
CA GLY C 23 -11.32 37.57 -13.34
C GLY C 23 -10.03 37.98 -13.99
N SER C 24 -9.22 37.02 -14.44
CA SER C 24 -7.88 37.36 -14.92
C SER C 24 -7.36 36.23 -15.80
N GLY C 25 -6.25 36.51 -16.49
CA GLY C 25 -5.44 35.47 -17.09
C GLY C 25 -6.22 34.50 -17.96
N PHE C 26 -5.91 33.21 -17.80
CA PHE C 26 -6.54 32.18 -18.65
C PHE C 26 -8.05 32.19 -18.52
N GLY C 27 -8.56 32.33 -17.29
CA GLY C 27 -10.00 32.26 -17.08
C GLY C 27 -10.74 33.37 -17.82
N ARG C 28 -10.23 34.60 -17.74
CA ARG C 28 -10.83 35.68 -18.51
C ARG C 28 -10.76 35.39 -20.00
N ALA C 29 -9.64 34.81 -20.47
CA ALA C 29 -9.49 34.53 -21.89
C ALA C 29 -10.40 33.39 -22.33
N PHE C 30 -10.59 32.37 -21.49
CA PHE C 30 -11.60 31.35 -21.79
C PHE C 30 -12.97 31.99 -21.93
N ALA C 31 -13.30 32.94 -21.04
CA ALA C 31 -14.61 33.56 -21.10
C ALA C 31 -14.79 34.35 -22.39
N GLU C 32 -13.77 35.11 -22.79
CA GLU C 32 -13.85 35.89 -24.02
C GLU C 32 -13.97 34.97 -25.23
N LYS C 33 -13.21 33.87 -25.24
CA LYS C 33 -13.29 32.94 -26.37
C LYS C 33 -14.64 32.24 -26.40
N GLY C 34 -15.12 31.79 -25.24
CA GLY C 34 -16.43 31.18 -25.20
C GLY C 34 -17.53 32.12 -25.67
N ALA C 35 -17.46 33.40 -25.26
CA ALA C 35 -18.44 34.37 -25.73
C ALA C 35 -18.40 34.52 -27.24
N SER C 36 -17.20 34.54 -27.83
CA SER C 36 -17.08 34.66 -29.28
C SER C 36 -17.65 33.44 -30.00
N LEU C 37 -17.73 32.29 -29.32
CA LEU C 37 -18.28 31.09 -29.90
C LEU C 37 -19.78 30.93 -29.63
N GLY C 38 -20.41 31.91 -29.00
CA GLY C 38 -21.84 31.83 -28.73
C GLY C 38 -22.21 31.03 -27.50
N MET C 39 -21.28 30.84 -26.57
CA MET C 39 -21.59 30.11 -25.35
C MET C 39 -22.25 31.02 -24.33
N LYS C 40 -23.11 30.41 -23.50
CA LYS C 40 -23.58 31.06 -22.28
C LYS C 40 -22.57 30.85 -21.16
N LEU C 41 -22.30 31.90 -20.39
CA LEU C 41 -21.15 31.93 -19.49
C LEU C 41 -21.57 32.04 -18.05
N VAL C 42 -20.98 31.19 -17.20
CA VAL C 42 -21.11 31.27 -15.76
C VAL C 42 -19.68 31.45 -15.22
N LEU C 43 -19.37 32.65 -14.74
CA LEU C 43 -17.99 33.03 -14.42
C LEU C 43 -17.81 33.13 -12.91
N ALA C 44 -16.74 32.52 -12.41
CA ALA C 44 -16.48 32.47 -10.98
C ALA C 44 -15.06 32.94 -10.68
N ASP C 45 -14.94 33.69 -9.59
CA ASP C 45 -13.65 34.11 -9.07
C ASP C 45 -13.88 34.49 -7.61
N VAL C 46 -12.83 34.39 -6.80
CA VAL C 46 -12.92 34.86 -5.43
C VAL C 46 -12.76 36.37 -5.37
N ASP C 47 -12.17 36.96 -6.39
CA ASP C 47 -11.95 38.41 -6.48
C ASP C 47 -13.18 39.03 -7.14
N GLU C 48 -14.03 39.66 -6.32
CA GLU C 48 -15.31 40.14 -6.83
C GLU C 48 -15.15 41.34 -7.77
N GLY C 49 -14.18 42.21 -7.49
CA GLY C 49 -13.95 43.34 -8.37
C GLY C 49 -13.48 42.92 -9.74
N ALA C 50 -12.49 42.01 -9.79
CA ALA C 50 -12.01 41.53 -11.08
C ALA C 50 -13.07 40.73 -11.81
N LEU C 51 -13.87 39.96 -11.05
CA LEU C 51 -14.94 39.16 -11.65
C LEU C 51 -15.97 40.06 -12.31
N ALA C 52 -16.31 41.17 -11.65
CA ALA C 52 -17.27 42.11 -12.20
C ALA C 52 -16.75 42.80 -13.46
N ARG C 53 -15.45 43.12 -13.48
CA ARG C 53 -14.89 43.72 -14.69
C ARG C 53 -15.03 42.77 -15.88
N THR C 54 -14.76 41.48 -15.66
CA THR C 54 -14.90 40.51 -16.75
C THR C 54 -16.37 40.38 -17.15
N VAL C 55 -17.26 40.21 -16.18
CA VAL C 55 -18.67 39.96 -16.48
C VAL C 55 -19.29 41.16 -17.19
N ASP C 56 -19.03 42.36 -16.67
CA ASP C 56 -19.66 43.55 -17.24
C ASP C 56 -19.16 43.83 -18.65
N THR C 57 -17.86 43.60 -18.92
CA THR C 57 -17.36 43.81 -20.27
C THR C 57 -17.99 42.83 -21.26
N LEU C 58 -18.01 41.53 -20.90
CA LEU C 58 -18.63 40.54 -21.77
C LEU C 58 -20.12 40.79 -21.95
N ARG C 59 -20.82 41.17 -20.89
CA ARG C 59 -22.25 41.46 -21.03
C ARG C 59 -22.46 42.66 -21.93
N ALA C 60 -21.61 43.68 -21.80
CA ALA C 60 -21.73 44.86 -22.66
C ALA C 60 -21.59 44.48 -24.14
N ALA C 61 -20.75 43.49 -24.44
CA ALA C 61 -20.56 43.03 -25.81
C ALA C 61 -21.62 42.02 -26.24
N GLY C 62 -22.66 41.80 -25.45
CA GLY C 62 -23.81 41.03 -25.89
C GLY C 62 -23.82 39.57 -25.50
N ALA C 63 -22.99 39.14 -24.55
CA ALA C 63 -22.98 37.76 -24.11
C ALA C 63 -24.08 37.51 -23.09
N GLU C 64 -24.53 36.25 -23.00
CA GLU C 64 -25.31 35.81 -21.86
C GLU C 64 -24.32 35.32 -20.80
N VAL C 65 -24.26 36.02 -19.68
CA VAL C 65 -23.23 35.75 -18.68
C VAL C 65 -23.75 36.14 -17.31
N ILE C 66 -23.45 35.29 -16.33
CA ILE C 66 -23.64 35.65 -14.93
C ILE C 66 -22.31 35.48 -14.21
N GLY C 67 -22.13 36.23 -13.14
CA GLY C 67 -20.97 36.11 -12.29
C GLY C 67 -21.40 35.60 -10.93
N VAL C 68 -20.62 34.68 -10.36
CA VAL C 68 -20.87 34.15 -9.03
C VAL C 68 -19.55 34.15 -8.28
N ARG C 69 -19.41 35.05 -7.32
CA ARG C 69 -18.23 35.02 -6.46
C ARG C 69 -18.11 33.64 -5.82
N THR C 70 -16.94 33.03 -5.97
CA THR C 70 -16.74 31.66 -5.52
C THR C 70 -15.32 31.49 -5.03
N ASP C 71 -15.17 30.96 -3.81
CA ASP C 71 -13.90 30.39 -3.35
C ASP C 71 -13.95 28.90 -3.66
N VAL C 72 -13.21 28.49 -4.71
CA VAL C 72 -13.28 27.10 -5.18
C VAL C 72 -12.71 26.12 -4.17
N SER C 73 -11.95 26.59 -3.18
CA SER C 73 -11.50 25.68 -2.14
C SER C 73 -12.63 25.29 -1.20
N ASN C 74 -13.78 25.96 -1.29
CA ASN C 74 -14.90 25.73 -0.39
C ASN C 74 -15.95 24.92 -1.16
N GLY C 75 -16.18 23.68 -0.72
CA GLY C 75 -17.10 22.81 -1.44
C GLY C 75 -18.51 23.37 -1.51
N ALA C 76 -18.99 23.96 -0.42
CA ALA C 76 -20.33 24.57 -0.40
C ALA C 76 -20.45 25.64 -1.48
N GLN C 77 -19.42 26.46 -1.65
CA GLN C 77 -19.52 27.53 -2.65
C GLN C 77 -19.43 26.98 -4.07
N VAL C 78 -18.70 25.88 -4.27
CA VAL C 78 -18.66 25.27 -5.59
C VAL C 78 -20.03 24.68 -5.92
N GLN C 79 -20.68 24.06 -4.93
CA GLN C 79 -22.04 23.59 -5.13
C GLN C 79 -22.99 24.74 -5.47
N ALA C 80 -22.84 25.87 -4.78
CA ALA C 80 -23.69 27.01 -5.10
C ALA C 80 -23.41 27.54 -6.50
N LEU C 81 -22.15 27.46 -6.95
CA LEU C 81 -21.84 27.84 -8.32
C LEU C 81 -22.59 26.95 -9.31
N ALA C 82 -22.62 25.65 -9.06
CA ALA C 82 -23.39 24.76 -9.94
C ALA C 82 -24.88 25.08 -9.85
N ASP C 83 -25.39 25.30 -8.64
CA ASP C 83 -26.80 25.65 -8.49
C ASP C 83 -27.16 26.91 -9.28
N ALA C 84 -26.33 27.95 -9.21
CA ALA C 84 -26.61 29.16 -9.97
C ALA C 84 -26.54 28.90 -11.47
N ALA C 85 -25.58 28.10 -11.90
CA ALA C 85 -25.45 27.77 -13.33
C ALA C 85 -26.72 27.12 -13.84
N LEU C 86 -27.20 26.08 -13.13
CA LEU C 86 -28.41 25.39 -13.56
C LEU C 86 -29.62 26.30 -13.48
N GLU C 87 -29.67 27.16 -12.47
CA GLU C 87 -30.81 28.06 -12.34
C GLU C 87 -30.89 29.02 -13.51
N ALA C 88 -29.75 29.51 -13.98
CA ALA C 88 -29.76 30.53 -15.03
C ALA C 88 -29.91 29.93 -16.42
N PHE C 89 -29.20 28.83 -16.70
CA PHE C 89 -29.12 28.32 -18.06
C PHE C 89 -29.57 26.87 -18.19
N GLY C 90 -29.95 26.20 -17.10
CA GLY C 90 -30.52 24.87 -17.15
C GLY C 90 -29.54 23.72 -17.33
N LYS C 91 -28.35 23.95 -17.88
CA LYS C 91 -27.39 22.90 -18.19
C LYS C 91 -25.98 23.41 -17.94
N VAL C 92 -25.03 22.48 -17.89
CA VAL C 92 -23.60 22.77 -17.89
C VAL C 92 -22.94 21.83 -18.88
N HIS C 93 -22.26 22.38 -19.89
CA HIS C 93 -21.61 21.58 -20.91
C HIS C 93 -20.09 21.61 -20.86
N LEU C 94 -19.52 22.69 -20.34
CA LEU C 94 -18.08 22.89 -20.32
CA LEU C 94 -18.08 22.90 -20.31
C LEU C 94 -17.72 23.44 -18.94
N LEU C 95 -16.75 22.80 -18.29
CA LEU C 95 -16.28 23.27 -16.99
C LEU C 95 -14.79 23.48 -17.07
N PHE C 96 -14.32 24.68 -16.75
CA PHE C 96 -12.89 24.96 -16.63
C PHE C 96 -12.57 25.11 -15.14
N ASN C 97 -12.00 24.06 -14.54
CA ASN C 97 -11.47 24.13 -13.17
C ASN C 97 -10.08 24.75 -13.30
N ASN C 98 -10.05 26.08 -13.28
CA ASN C 98 -8.90 26.81 -13.76
C ASN C 98 -8.23 27.66 -12.69
N ALA C 99 -8.96 28.13 -11.68
CA ALA C 99 -8.37 28.96 -10.64
C ALA C 99 -7.14 28.29 -10.05
N GLY C 100 -6.11 29.09 -9.76
CA GLY C 100 -4.90 28.52 -9.19
C GLY C 100 -4.03 29.57 -8.53
N VAL C 101 -3.20 29.10 -7.59
CA VAL C 101 -2.27 29.94 -6.85
C VAL C 101 -0.94 29.19 -6.75
N GLY C 102 0.06 29.86 -6.17
CA GLY C 102 1.36 29.24 -5.99
C GLY C 102 2.14 29.90 -4.87
N ALA C 103 3.26 29.27 -4.55
CA ALA C 103 4.22 29.71 -3.55
C ALA C 103 5.53 29.00 -3.85
N GLY C 104 6.64 29.61 -3.41
CA GLY C 104 7.95 29.11 -3.77
C GLY C 104 8.93 29.15 -2.60
N GLY C 105 10.13 28.67 -2.87
CA GLY C 105 11.19 28.58 -1.88
C GLY C 105 11.57 27.14 -1.60
N PHE C 106 12.74 26.99 -0.95
CA PHE C 106 13.16 25.68 -0.45
C PHE C 106 11.99 24.99 0.24
N LEU C 107 11.77 23.72 -0.10
CA LEU C 107 10.54 23.04 0.28
C LEU C 107 10.29 23.11 1.79
N TRP C 108 11.29 22.78 2.60
CA TRP C 108 11.11 22.73 4.05
C TRP C 108 10.93 24.10 4.67
N GLU C 109 11.25 25.18 3.95
CA GLU C 109 11.08 26.52 4.51
C GLU C 109 9.64 27.01 4.41
N SER C 110 8.82 26.40 3.55
CA SER C 110 7.42 26.81 3.46
C SER C 110 6.66 26.45 4.73
N SER C 111 5.60 27.19 4.99
CA SER C 111 4.77 26.95 6.17
C SER C 111 3.67 25.93 5.87
N ALA C 112 3.08 25.42 6.96
CA ALA C 112 1.88 24.58 6.81
C ALA C 112 0.78 25.34 6.08
N ASN C 113 0.63 26.64 6.35
CA ASN C 113 -0.40 27.41 5.67
C ASN C 113 -0.14 27.50 4.17
N ASP C 114 1.13 27.56 3.74
CA ASP C 114 1.43 27.54 2.32
C ASP C 114 0.90 26.27 1.65
N TRP C 115 1.15 25.13 2.27
CA TRP C 115 0.63 23.86 1.75
C TRP C 115 -0.89 23.89 1.68
N ALA C 116 -1.53 24.31 2.77
CA ALA C 116 -2.99 24.28 2.83
C ALA C 116 -3.58 25.24 1.80
N TRP C 117 -2.96 26.40 1.61
CA TRP C 117 -3.45 27.35 0.63
C TRP C 117 -3.34 26.78 -0.79
N VAL C 118 -2.14 26.37 -1.18
CA VAL C 118 -1.93 25.98 -2.57
C VAL C 118 -2.72 24.72 -2.91
N PHE C 119 -2.75 23.75 -2.01
CA PHE C 119 -3.54 22.55 -2.27
C PHE C 119 -5.04 22.83 -2.20
N GLY C 120 -5.47 23.73 -1.31
CA GLY C 120 -6.88 24.07 -1.25
C GLY C 120 -7.41 24.59 -2.57
N VAL C 121 -6.66 25.50 -3.22
CA VAL C 121 -7.13 26.02 -4.50
C VAL C 121 -6.82 25.03 -5.63
N ASN C 122 -5.56 24.62 -5.74
CA ASN C 122 -5.11 23.93 -6.95
C ASN C 122 -5.64 22.51 -7.03
N VAL C 123 -5.82 21.83 -5.90
CA VAL C 123 -6.27 20.45 -5.93
C VAL C 123 -7.72 20.36 -5.49
N MET C 124 -8.04 20.88 -4.30
CA MET C 124 -9.39 20.72 -3.80
CA MET C 124 -9.40 20.75 -3.79
C MET C 124 -10.39 21.50 -4.65
N GLY C 125 -10.00 22.67 -5.16
CA GLY C 125 -10.88 23.39 -6.07
C GLY C 125 -11.23 22.54 -7.28
N VAL C 126 -10.24 21.84 -7.84
CA VAL C 126 -10.49 20.95 -8.98
C VAL C 126 -11.33 19.77 -8.53
N ALA C 127 -11.00 19.17 -7.39
CA ALA C 127 -11.75 18.04 -6.87
C ALA C 127 -13.22 18.40 -6.63
N HIS C 128 -13.46 19.57 -6.01
CA HIS C 128 -14.83 20.04 -5.80
C HIS C 128 -15.58 20.20 -7.12
N GLY C 129 -14.92 20.79 -8.12
CA GLY C 129 -15.56 20.96 -9.41
C GLY C 129 -15.95 19.64 -10.05
N VAL C 130 -15.02 18.68 -10.03
CA VAL C 130 -15.31 17.36 -10.58
C VAL C 130 -16.44 16.71 -9.80
N ARG C 131 -16.36 16.75 -8.47
CA ARG C 131 -17.35 16.08 -7.64
C ARG C 131 -18.75 16.66 -7.86
N VAL C 132 -18.84 17.98 -8.01
CA VAL C 132 -20.14 18.64 -8.13
C VAL C 132 -20.67 18.55 -9.55
N PHE C 133 -19.82 18.79 -10.56
CA PHE C 133 -20.33 18.96 -11.91
C PHE C 133 -20.39 17.67 -12.72
N ALA C 134 -19.46 16.73 -12.48
CA ALA C 134 -19.49 15.50 -13.27
C ALA C 134 -20.83 14.76 -13.18
N PRO C 135 -21.43 14.58 -12.01
CA PRO C 135 -22.75 13.92 -12.00
C PRO C 135 -23.82 14.71 -12.73
N ILE C 136 -23.74 16.04 -12.70
CA ILE C 136 -24.65 16.85 -13.50
C ILE C 136 -24.49 16.55 -14.98
N MET C 137 -23.24 16.60 -15.47
CA MET C 137 -22.99 16.35 -16.88
C MET C 137 -23.41 14.94 -17.26
N LEU C 138 -23.06 13.95 -16.44
CA LEU C 138 -23.42 12.57 -16.75
C LEU C 138 -24.93 12.42 -16.79
N GLY C 139 -25.65 13.11 -15.91
CA GLY C 139 -27.09 13.00 -15.90
C GLY C 139 -27.79 13.71 -17.04
N GLN C 140 -27.10 14.58 -17.78
CA GLN C 140 -27.74 15.32 -18.86
C GLN C 140 -27.90 14.52 -20.14
N ASN C 141 -27.13 13.44 -20.33
CA ASN C 141 -27.14 12.67 -21.57
C ASN C 141 -26.92 13.59 -22.78
N GLU C 142 -25.90 14.43 -22.66
CA GLU C 142 -25.43 15.28 -23.75
C GLU C 142 -23.92 15.30 -23.70
N ALA C 143 -23.31 15.76 -24.78
CA ALA C 143 -21.87 15.93 -24.77
C ALA C 143 -21.49 17.01 -23.77
N ALA C 144 -20.49 16.72 -22.95
CA ALA C 144 -19.96 17.67 -21.99
C ALA C 144 -18.47 17.40 -21.84
N HIS C 145 -17.76 18.34 -21.22
CA HIS C 145 -16.31 18.25 -21.15
C HIS C 145 -15.82 19.05 -19.95
N ILE C 146 -14.87 18.48 -19.21
CA ILE C 146 -14.23 19.13 -18.08
C ILE C 146 -12.77 19.38 -18.42
N VAL C 147 -12.32 20.62 -18.25
CA VAL C 147 -10.91 20.97 -18.48
C VAL C 147 -10.30 21.40 -17.15
N ASN C 148 -9.24 20.72 -16.74
CA ASN C 148 -8.52 21.06 -15.53
C ASN C 148 -7.20 21.72 -15.92
N THR C 149 -6.95 22.91 -15.38
CA THR C 149 -5.69 23.60 -15.65
C THR C 149 -4.61 23.09 -14.69
N ALA C 150 -3.65 22.33 -15.22
CA ALA C 150 -2.46 21.98 -14.46
C ALA C 150 -1.38 23.00 -14.77
N SER C 151 -0.26 22.53 -15.33
CA SER C 151 0.90 23.34 -15.70
C SER C 151 1.95 22.38 -16.23
N VAL C 152 2.96 22.92 -16.91
CA VAL C 152 4.13 22.10 -17.16
C VAL C 152 4.76 21.66 -15.84
N ALA C 153 4.51 22.41 -14.76
CA ALA C 153 4.93 22.00 -13.42
C ALA C 153 4.16 20.77 -12.93
N GLY C 154 3.12 20.33 -13.63
CA GLY C 154 2.53 19.04 -13.37
C GLY C 154 3.24 17.90 -14.08
N LEU C 155 4.18 18.23 -14.98
CA LEU C 155 4.95 17.25 -15.72
C LEU C 155 6.42 17.24 -15.34
N LEU C 156 6.91 18.27 -14.65
CA LEU C 156 8.30 18.45 -14.27
C LEU C 156 8.34 18.81 -12.79
N SER C 157 9.56 18.78 -12.22
CA SER C 157 9.77 19.14 -10.81
C SER C 157 10.88 20.19 -10.70
N PRO C 158 10.60 21.43 -11.14
CA PRO C 158 11.63 22.46 -11.07
C PRO C 158 11.93 22.83 -9.63
N PRO C 159 13.18 23.19 -9.32
CA PRO C 159 13.56 23.47 -7.93
C PRO C 159 12.86 24.68 -7.37
N SER C 160 12.70 24.68 -6.05
CA SER C 160 12.13 25.78 -5.29
C SER C 160 10.67 26.05 -5.60
N MET C 161 9.95 25.10 -6.21
CA MET C 161 8.53 25.26 -6.48
CA MET C 161 8.53 25.26 -6.49
C MET C 161 7.75 24.03 -6.05
N GLY C 162 8.26 23.32 -5.03
CA GLY C 162 7.78 21.98 -4.73
C GLY C 162 6.30 21.89 -4.36
N ILE C 163 5.79 22.86 -3.61
CA ILE C 163 4.38 22.82 -3.26
C ILE C 163 3.54 22.97 -4.52
N TYR C 164 3.89 23.96 -5.34
CA TYR C 164 3.16 24.18 -6.59
C TYR C 164 3.28 22.96 -7.49
N ASN C 165 4.51 22.47 -7.71
CA ASN C 165 4.73 21.26 -8.50
C ASN C 165 3.85 20.12 -8.04
N ALA C 166 3.87 19.84 -6.73
CA ALA C 166 3.14 18.69 -6.21
C ALA C 166 1.64 18.85 -6.44
N SER C 167 1.13 20.06 -6.25
CA SER C 167 -0.29 20.32 -6.51
C SER C 167 -0.63 20.09 -7.97
N LYS C 168 0.28 20.45 -8.89
CA LYS C 168 -0.02 20.30 -10.30
C LYS C 168 0.12 18.85 -10.77
N HIS C 169 1.07 18.10 -10.20
CA HIS C 169 1.14 16.68 -10.50
C HIS C 169 -0.12 15.97 -10.02
N ALA C 170 -0.68 16.43 -8.89
CA ALA C 170 -1.93 15.85 -8.41
C ALA C 170 -3.05 16.11 -9.41
N VAL C 171 -3.11 17.33 -9.96
CA VAL C 171 -4.13 17.63 -10.96
C VAL C 171 -3.93 16.75 -12.19
N VAL C 172 -2.67 16.58 -12.62
CA VAL C 172 -2.38 15.74 -13.78
C VAL C 172 -2.95 14.34 -13.59
N SER C 173 -2.65 13.73 -12.45
CA SER C 173 -3.05 12.34 -12.28
C SER C 173 -4.54 12.21 -12.01
N LEU C 174 -5.13 13.14 -11.25
CA LEU C 174 -6.57 13.03 -11.02
C LEU C 174 -7.32 13.18 -12.34
N THR C 175 -6.82 14.05 -13.24
CA THR C 175 -7.49 14.23 -14.53
C THR C 175 -7.27 13.04 -15.45
N GLU C 176 -6.06 12.47 -15.46
CA GLU C 176 -5.85 11.23 -16.20
C GLU C 176 -6.78 10.13 -15.68
N THR C 177 -6.91 10.00 -14.36
CA THR C 177 -7.81 8.98 -13.81
C THR C 177 -9.26 9.28 -14.18
N LEU C 178 -9.66 10.56 -14.09
CA LEU C 178 -10.99 10.98 -14.52
C LEU C 178 -11.25 10.55 -15.96
N TYR C 179 -10.24 10.72 -16.83
CA TYR C 179 -10.38 10.27 -18.21
C TYR C 179 -10.75 8.79 -18.26
N HIS C 180 -10.03 7.95 -17.51
CA HIS C 180 -10.33 6.52 -17.53
C HIS C 180 -11.68 6.24 -16.88
N ASP C 181 -12.01 6.94 -15.78
CA ASP C 181 -13.27 6.69 -15.09
C ASP C 181 -14.47 7.06 -15.95
N LEU C 182 -14.40 8.21 -16.64
CA LEU C 182 -15.50 8.61 -17.51
C LEU C 182 -15.75 7.56 -18.59
N ARG C 183 -14.69 6.98 -19.14
CA ARG C 183 -14.87 5.96 -20.16
C ARG C 183 -15.42 4.66 -19.56
N ASN C 184 -14.98 4.31 -18.35
CA ASN C 184 -15.54 3.13 -17.69
C ASN C 184 -17.01 3.32 -17.37
N ALA C 185 -17.41 4.53 -16.95
CA ALA C 185 -18.82 4.77 -16.65
C ALA C 185 -19.67 4.88 -17.91
N GLY C 186 -19.07 5.24 -19.04
CA GLY C 186 -19.80 5.44 -20.27
C GLY C 186 -20.39 6.84 -20.36
N GLY C 187 -20.89 7.17 -21.54
CA GLY C 187 -21.52 8.44 -21.76
C GLY C 187 -20.65 9.34 -22.62
N GLU C 188 -21.11 10.58 -22.79
CA GLU C 188 -20.47 11.54 -23.67
C GLU C 188 -19.78 12.66 -22.89
N VAL C 189 -19.50 12.45 -21.62
CA VAL C 189 -18.73 13.39 -20.83
C VAL C 189 -17.26 13.02 -20.95
N GLY C 190 -16.44 13.97 -21.35
CA GLY C 190 -15.01 13.75 -21.44
C GLY C 190 -14.26 14.80 -20.65
N CYS C 191 -12.92 14.79 -20.76
CA CYS C 191 -12.09 15.76 -20.05
C CYS C 191 -10.77 15.96 -20.77
N SER C 192 -10.10 17.05 -20.41
CA SER C 192 -8.79 17.39 -20.94
C SER C 192 -7.94 17.97 -19.83
N LEU C 193 -6.63 18.02 -20.09
CA LEU C 193 -5.62 18.44 -19.13
C LEU C 193 -4.77 19.52 -19.78
N LEU C 194 -4.87 20.75 -19.29
CA LEU C 194 -4.16 21.89 -19.87
C LEU C 194 -2.85 22.11 -19.12
N CYS C 195 -1.73 22.07 -19.84
CA CYS C 195 -0.39 22.12 -19.25
C CYS C 195 0.44 23.21 -19.89
N PRO C 196 0.20 24.47 -19.56
CA PRO C 196 0.95 25.57 -20.18
C PRO C 196 2.26 25.85 -19.46
N ALA C 197 3.19 26.46 -20.21
CA ALA C 197 4.38 27.06 -19.62
C ALA C 197 4.03 28.49 -19.22
N PHE C 198 5.04 29.27 -18.82
CA PHE C 198 4.79 30.60 -18.28
C PHE C 198 4.12 31.50 -19.32
N VAL C 199 3.09 32.21 -18.87
CA VAL C 199 2.33 33.14 -19.70
C VAL C 199 2.11 34.42 -18.89
N PRO C 200 2.19 35.61 -19.50
CA PRO C 200 1.97 36.84 -18.72
C PRO C 200 0.53 36.99 -18.24
N THR C 201 0.27 36.55 -17.02
CA THR C 201 -1.02 36.70 -16.38
C THR C 201 -0.77 37.36 -15.02
N GLY C 202 -1.69 37.17 -14.10
CA GLY C 202 -1.51 37.61 -12.72
C GLY C 202 -1.02 36.54 -11.77
N ILE C 203 -0.58 35.38 -12.28
CA ILE C 203 -0.28 34.25 -11.41
C ILE C 203 0.88 34.54 -10.47
N ALA C 204 1.86 35.37 -10.89
CA ALA C 204 2.98 35.67 -10.00
C ALA C 204 2.54 36.52 -8.82
N ASP C 205 1.37 37.15 -8.89
CA ASP C 205 0.84 37.95 -7.79
C ASP C 205 -0.31 37.25 -7.08
N ALA C 206 -0.31 35.91 -7.04
CA ALA C 206 -1.38 35.16 -6.39
C ALA C 206 -1.53 35.49 -4.90
N GLU C 207 -0.49 35.97 -4.24
CA GLU C 207 -0.61 36.31 -2.82
C GLU C 207 -1.72 37.33 -2.55
N ARG C 208 -2.15 38.09 -3.57
CA ARG C 208 -3.21 39.07 -3.39
C ARG C 208 -4.54 38.42 -2.99
N VAL C 209 -4.72 37.13 -3.26
CA VAL C 209 -5.94 36.41 -2.93
C VAL C 209 -5.68 35.27 -1.93
N ARG C 210 -4.56 35.31 -1.20
CA ARG C 210 -4.37 34.36 -0.12
C ARG C 210 -5.33 34.69 1.02
N PRO C 211 -6.14 33.75 1.48
CA PRO C 211 -7.11 34.06 2.54
C PRO C 211 -6.42 34.37 3.87
N GLU C 212 -7.11 35.18 4.68
CA GLU C 212 -6.52 35.66 5.92
C GLU C 212 -6.13 34.52 6.85
N ALA C 213 -6.91 33.45 6.87
CA ALA C 213 -6.65 32.36 7.81
C ALA C 213 -5.36 31.64 7.52
N LEU C 214 -4.79 31.82 6.33
CA LEU C 214 -3.57 31.12 5.92
C LEU C 214 -2.38 32.07 5.75
N ARG C 215 -2.47 33.27 6.34
CA ARG C 215 -1.38 34.24 6.30
C ARG C 215 -0.12 33.72 6.99
N ASN C 216 1.04 34.12 6.49
CA ASN C 216 2.32 33.82 7.12
C ASN C 216 2.73 35.01 7.98
N GLU C 217 3.08 34.75 9.24
CA GLU C 217 3.59 35.81 10.09
C GLU C 217 5.07 36.06 9.89
N ALA C 218 5.84 35.04 9.50
CA ALA C 218 7.27 35.23 9.30
C ALA C 218 7.55 36.00 8.01
N GLN C 219 8.70 36.68 7.99
CA GLN C 219 9.18 37.32 6.77
C GLN C 219 9.73 36.26 5.81
N PRO C 220 9.79 36.57 4.51
CA PRO C 220 10.28 35.56 3.56
C PRO C 220 11.77 35.31 3.73
N THR C 221 12.16 34.06 3.42
CA THR C 221 13.56 33.66 3.44
C THR C 221 14.24 34.05 2.13
N ARG C 222 15.58 33.92 2.11
CA ARG C 222 16.33 34.23 0.90
C ARG C 222 15.85 33.40 -0.30
N SER C 223 15.63 32.10 -0.10
CA SER C 223 15.22 31.24 -1.22
C SER C 223 13.79 31.53 -1.66
N GLN C 224 12.92 31.97 -0.74
CA GLN C 224 11.56 32.32 -1.15
C GLN C 224 11.57 33.59 -1.98
N LEU C 225 12.32 34.61 -1.54
CA LEU C 225 12.46 35.81 -2.34
C LEU C 225 13.07 35.50 -3.70
N ALA C 226 14.08 34.62 -3.73
CA ALA C 226 14.70 34.23 -4.99
C ALA C 226 13.69 33.55 -5.92
N ALA C 227 12.85 32.66 -5.37
CA ALA C 227 11.85 31.97 -6.18
C ALA C 227 10.78 32.93 -6.69
N ASP C 228 10.37 33.90 -5.86
CA ASP C 228 9.41 34.91 -6.32
C ASP C 228 9.99 35.74 -7.45
N ARG C 229 11.22 36.21 -7.29
CA ARG C 229 11.85 36.99 -8.35
C ARG C 229 11.95 36.19 -9.65
N GLN C 230 12.33 34.90 -9.57
CA GLN C 230 12.41 34.07 -10.76
C GLN C 230 11.05 33.95 -11.45
N LEU C 231 9.98 33.73 -10.67
CA LEU C 231 8.65 33.55 -11.27
C LEU C 231 8.18 34.83 -11.96
N GLN C 232 8.29 35.97 -11.29
CA GLN C 232 7.93 37.24 -11.90
C GLN C 232 8.63 37.42 -13.25
N ARG C 233 9.92 37.11 -13.29
CA ARG C 233 10.68 37.23 -14.53
C ARG C 233 10.20 36.24 -15.59
N ALA C 234 9.93 34.99 -15.20
CA ALA C 234 9.53 33.97 -16.17
C ALA C 234 8.13 34.22 -16.71
N VAL C 235 7.19 34.61 -15.85
CA VAL C 235 5.81 34.87 -16.26
C VAL C 235 5.77 36.05 -17.23
N ARG C 236 6.42 37.15 -16.85
CA ARG C 236 6.42 38.35 -17.68
C ARG C 236 6.93 38.08 -19.10
N SER C 237 7.84 37.12 -19.26
CA SER C 237 8.55 36.94 -20.52
C SER C 237 8.04 35.77 -21.37
N GLY C 238 6.86 35.22 -21.08
CA GLY C 238 6.28 34.24 -21.98
C GLY C 238 5.92 34.86 -23.32
N LYS C 239 6.13 34.09 -24.39
CA LYS C 239 5.88 34.60 -25.74
C LYS C 239 4.45 34.38 -26.23
N LEU C 240 3.72 33.43 -25.65
CA LEU C 240 2.29 33.27 -25.91
C LEU C 240 1.49 34.01 -24.87
N GLY C 241 0.35 34.57 -25.30
CA GLY C 241 -0.56 35.27 -24.41
C GLY C 241 -1.72 34.39 -23.94
N ALA C 242 -2.46 34.92 -22.96
CA ALA C 242 -3.63 34.20 -22.46
C ALA C 242 -4.64 33.94 -23.58
N THR C 243 -4.81 34.91 -24.49
CA THR C 243 -5.69 34.69 -25.63
C THR C 243 -5.23 33.49 -26.45
N ASP C 244 -3.92 33.38 -26.70
CA ASP C 244 -3.41 32.24 -27.45
C ASP C 244 -3.71 30.93 -26.73
N VAL C 245 -3.52 30.90 -25.41
CA VAL C 245 -3.81 29.69 -24.65
C VAL C 245 -5.29 29.32 -24.77
N ALA C 246 -6.18 30.33 -24.71
CA ALA C 246 -7.60 30.04 -24.88
C ALA C 246 -7.89 29.50 -26.27
N THR C 247 -7.28 30.08 -27.29
CA THR C 247 -7.47 29.57 -28.65
C THR C 247 -7.07 28.10 -28.74
N LEU C 248 -5.86 27.78 -28.28
CA LEU C 248 -5.36 26.41 -28.32
C LEU C 248 -6.23 25.47 -27.50
N THR C 249 -6.78 25.94 -26.38
CA THR C 249 -7.54 25.06 -25.51
C THR C 249 -8.88 24.66 -26.14
N PHE C 250 -9.63 25.64 -26.65
CA PHE C 250 -10.88 25.35 -27.33
C PHE C 250 -10.64 24.51 -28.58
N GLU C 251 -9.53 24.76 -29.28
CA GLU C 251 -9.12 23.92 -30.40
C GLU C 251 -9.00 22.45 -29.98
N ALA C 252 -8.38 22.21 -28.82
CA ALA C 252 -8.20 20.84 -28.36
C ALA C 252 -9.52 20.24 -27.87
N ILE C 253 -10.34 21.04 -27.18
CA ILE C 253 -11.66 20.55 -26.75
C ILE C 253 -12.47 20.07 -27.95
N ALA C 254 -12.45 20.86 -29.04
CA ALA C 254 -13.19 20.48 -30.25
C ALA C 254 -12.85 19.08 -30.71
N GLU C 255 -11.58 18.69 -30.61
CA GLU C 255 -11.10 17.37 -31.00
C GLU C 255 -11.16 16.36 -29.85
N ARG C 256 -11.61 16.76 -28.67
CA ARG C 256 -11.60 15.90 -27.47
C ARG C 256 -10.18 15.42 -27.12
N ARG C 257 -9.18 16.20 -27.46
CA ARG C 257 -7.79 15.86 -27.16
C ARG C 257 -7.53 16.06 -25.68
N PHE C 258 -6.92 15.06 -25.03
CA PHE C 258 -6.71 15.11 -23.59
C PHE C 258 -5.55 15.99 -23.18
N TYR C 259 -4.35 15.71 -23.67
CA TYR C 259 -3.17 16.50 -23.31
C TYR C 259 -3.13 17.78 -24.14
N ILE C 260 -3.23 18.93 -23.46
CA ILE C 260 -3.15 20.22 -24.10
C ILE C 260 -1.86 20.87 -23.64
N LEU C 261 -0.83 20.81 -24.47
CA LEU C 261 0.49 21.37 -24.19
C LEU C 261 0.64 22.60 -25.07
N THR C 262 0.34 23.77 -24.50
CA THR C 262 0.40 25.00 -25.29
C THR C 262 1.83 25.39 -25.62
N HIS C 263 2.80 24.83 -24.92
CA HIS C 263 4.22 25.15 -25.11
C HIS C 263 4.97 23.84 -25.30
N PRO C 264 4.89 23.23 -26.49
CA PRO C 264 5.49 21.88 -26.65
C PRO C 264 7.01 21.86 -26.55
N ALA C 265 7.68 23.01 -26.54
CA ALA C 265 9.14 23.01 -26.40
C ALA C 265 9.60 22.34 -25.11
N ILE C 266 8.78 22.40 -24.06
CA ILE C 266 9.19 21.77 -22.80
C ILE C 266 9.32 20.26 -22.89
N LEU C 267 8.89 19.62 -23.99
CA LEU C 267 8.88 18.17 -23.98
C LEU C 267 10.27 17.57 -23.91
N ALA C 268 11.31 18.28 -24.34
CA ALA C 268 12.66 17.77 -24.14
C ALA C 268 12.96 17.59 -22.66
N THR C 269 12.59 18.58 -21.84
CA THR C 269 12.79 18.47 -20.40
CA THR C 269 12.82 18.44 -20.41
C THR C 269 11.91 17.40 -19.79
N VAL C 270 10.72 17.17 -20.37
CA VAL C 270 9.84 16.13 -19.85
C VAL C 270 10.42 14.74 -20.15
N ARG C 271 10.95 14.55 -21.37
CA ARG C 271 11.60 13.29 -21.70
C ARG C 271 12.77 13.00 -20.77
N LEU C 272 13.49 14.04 -20.36
CA LEU C 272 14.61 13.85 -19.44
C LEU C 272 14.12 13.33 -18.09
N ARG C 273 13.06 13.94 -17.55
CA ARG C 273 12.51 13.46 -16.29
C ARG C 273 12.01 12.03 -16.44
N HIS C 274 11.26 11.76 -17.52
CA HIS C 274 10.77 10.40 -17.74
C HIS C 274 11.91 9.40 -17.83
N GLU C 275 13.03 9.81 -18.46
CA GLU C 275 14.18 8.93 -18.56
C GLU C 275 14.81 8.68 -17.19
N ASP C 276 14.91 9.73 -16.36
CA ASP C 276 15.35 9.54 -14.97
C ASP C 276 14.58 8.41 -14.30
N ILE C 277 13.25 8.47 -14.38
CA ILE C 277 12.41 7.48 -13.72
C ILE C 277 12.64 6.11 -14.31
N GLU C 278 12.62 6.03 -15.65
CA GLU C 278 12.74 4.75 -16.33
C GLU C 278 14.09 4.10 -16.06
N LEU C 279 15.11 4.89 -15.79
CA LEU C 279 16.44 4.38 -15.48
C LEU C 279 16.72 4.33 -14.00
N GLN C 280 15.79 4.80 -13.17
CA GLN C 280 16.02 4.96 -11.75
C GLN C 280 17.30 5.76 -11.49
N ARG C 281 17.48 6.82 -12.28
CA ARG C 281 18.64 7.69 -12.23
C ARG C 281 18.32 8.92 -11.40
N ASN C 282 19.24 9.33 -10.53
CA ASN C 282 18.99 10.46 -9.67
C ASN C 282 18.59 11.68 -10.52
N PRO C 283 17.57 12.44 -10.10
CA PRO C 283 17.01 13.48 -10.98
C PRO C 283 18.08 14.36 -11.61
N THR C 284 18.03 14.44 -12.92
CA THR C 284 18.94 15.27 -13.68
C THR C 284 18.49 16.73 -13.60
N ASP C 285 19.41 17.61 -13.26
CA ASP C 285 19.16 19.04 -13.41
C ASP C 285 19.33 19.41 -14.88
N PRO C 286 18.28 19.84 -15.57
CA PRO C 286 18.43 20.28 -16.97
C PRO C 286 19.28 21.53 -17.13
N LEU C 287 19.71 22.16 -16.04
CA LEU C 287 20.54 23.37 -16.06
C LEU C 287 19.84 24.51 -16.80
PA NAD D . 8.69 -26.12 13.89
O1A NAD D . 9.41 -26.43 15.15
O2A NAD D . 9.29 -24.95 13.12
O5B NAD D . 7.12 -25.86 14.15
C5B NAD D . 6.38 -26.82 14.93
C4B NAD D . 5.52 -26.04 15.89
O4B NAD D . 4.69 -26.93 16.67
C3B NAD D . 6.30 -25.17 16.89
O3B NAD D . 5.89 -23.81 16.77
C2B NAD D . 5.94 -25.79 18.25
O2B NAD D . 5.89 -24.84 19.32
C1B NAD D . 4.57 -26.37 17.96
N9A NAD D . 4.14 -27.41 18.89
C8A NAD D . 4.92 -28.38 19.46
N7A NAD D . 4.31 -29.09 20.38
C5A NAD D . 3.03 -28.55 20.41
C6A NAD D . 1.89 -28.84 21.19
N6A NAD D . 1.87 -29.77 22.15
N1A NAD D . 0.77 -28.12 20.98
C2A NAD D . 0.81 -27.15 20.05
N3A NAD D . 1.82 -26.77 19.26
C4A NAD D . 2.91 -27.52 19.49
O3 NAD D . 8.74 -27.42 12.98
PN NAD D . 8.04 -27.77 11.59
O1N NAD D . 7.35 -26.57 11.06
O2N NAD D . 9.03 -28.47 10.75
O5D NAD D . 6.96 -28.83 12.10
C5D NAD D . 5.65 -28.94 11.50
C4D NAD D . 5.35 -30.40 11.22
O4D NAD D . 6.14 -30.85 10.11
C3D NAD D . 5.63 -31.37 12.38
O3D NAD D . 4.55 -32.29 12.54
C2D NAD D . 6.92 -32.06 11.93
O2D NAD D . 7.10 -33.35 12.53
C1D NAD D . 6.66 -32.11 10.43
N1N NAD D . 7.87 -32.40 9.52
C2N NAD D . 8.91 -31.55 9.56
C3N NAD D . 10.00 -31.74 8.74
C7N NAD D . 11.11 -30.74 8.62
O7N NAD D . 12.19 -31.09 8.14
N7N NAD D . 10.91 -29.54 9.15
C4N NAD D . 9.99 -32.83 7.87
C5N NAD D . 8.90 -33.68 7.82
C6N NAD D . 7.83 -33.45 8.67
C ACT E . 11.66 -35.14 9.77
O ACT E . 10.44 -35.41 9.72
OXT ACT E . 12.39 -35.73 8.95
CH3 ACT E . 12.21 -34.16 10.77
PA NAD F . -0.47 -0.41 6.32
O1A NAD F . -1.91 -0.18 6.51
O2A NAD F . -0.01 -1.83 6.66
O5B NAD F . 0.45 0.63 7.11
C5B NAD F . 0.18 2.04 7.07
C4B NAD F . 0.13 2.52 8.49
O4B NAD F . -0.11 3.94 8.51
C3B NAD F . -0.97 1.88 9.37
O3B NAD F . -0.42 1.29 10.53
C2B NAD F . -1.88 3.06 9.73
O2B NAD F . -2.41 2.95 11.05
C1B NAD F . -0.91 4.22 9.64
N9A NAD F . -1.54 5.53 9.47
C8A NAD F . -2.63 5.83 8.68
N7A NAD F . -3.05 7.06 8.82
C5A NAD F . -2.18 7.61 9.74
C6A NAD F . -2.09 8.90 10.32
N6A NAD F . -3.00 9.87 10.11
N1A NAD F . -1.08 9.13 11.18
C2A NAD F . -0.22 8.14 11.45
N3A NAD F . -0.21 6.88 10.98
C4A NAD F . -1.23 6.68 10.14
O3 NAD F . -0.08 -0.09 4.81
PN NAD F . 1.33 0.01 4.06
O1N NAD F . 2.42 -0.49 4.95
O2N NAD F . 1.16 -0.60 2.73
O5D NAD F . 1.41 1.59 3.91
C5D NAD F . 2.68 2.29 3.98
C4D NAD F . 2.78 3.19 2.76
O4D NAD F . 3.02 2.40 1.58
C3D NAD F . 1.55 4.05 2.47
O3D NAD F . 1.96 5.37 2.13
C2D NAD F . 0.95 3.38 1.23
O2D NAD F . 0.21 4.30 0.46
C1D NAD F . 2.23 2.92 0.55
N1N NAD F . 2.08 1.85 -0.56
C2N NAD F . 1.56 0.65 -0.23
C3N NAD F . 1.45 -0.34 -1.19
C7N NAD F . 1.03 -1.74 -0.86
O7N NAD F . 0.65 -2.48 -1.79
N7N NAD F . 0.99 -2.11 0.41
C4N NAD F . 1.91 -0.08 -2.47
C5N NAD F . 2.45 1.16 -2.77
C6N NAD F . 2.52 2.12 -1.79
C ACT G . -0.79 0.88 -4.20
O ACT G . -0.61 0.39 -5.34
OXT ACT G . -0.17 1.95 -3.96
CH3 ACT G . -1.67 0.24 -3.17
PA NAD H . -4.20 34.74 -12.75
O1A NAD H . -3.65 35.25 -11.47
O2A NAD H . -4.11 35.80 -13.84
O5B NAD H . -5.75 34.28 -12.64
C5B NAD H . -6.16 33.27 -11.70
C4B NAD H . -7.45 33.72 -11.08
O4B NAD H . -7.87 32.76 -10.08
C3B NAD H . -7.40 35.08 -10.37
O3B NAD H . -8.40 35.97 -10.87
C2B NAD H . -7.66 34.74 -8.90
O2B NAD H . -8.39 35.77 -8.24
C1B NAD H . -8.48 33.47 -9.03
N9A NAD H . -8.49 32.64 -7.83
C8A NAD H . -7.44 32.42 -6.98
N7A NAD H . -7.76 31.76 -5.89
C5A NAD H . -9.11 31.50 -6.05
C6A NAD H . -10.05 30.81 -5.25
N6A NAD H . -9.78 30.29 -4.05
N1A NAD H . -11.31 30.71 -5.72
C2A NAD H . -11.62 31.28 -6.90
N3A NAD H . -10.82 31.96 -7.73
C4A NAD H . -9.57 32.03 -7.25
O3 NAD H . -3.35 33.48 -13.23
PN NAD H . -3.52 32.46 -14.45
O1N NAD H . -4.64 32.88 -15.32
O2N NAD H . -2.18 32.24 -15.05
O5D NAD H . -3.92 31.13 -13.67
C5D NAD H . -4.88 30.22 -14.23
C4D NAD H . -4.39 28.81 -14.00
O4D NAD H . -3.27 28.54 -14.88
C3D NAD H . -3.90 28.49 -12.59
O3D NAD H . -4.34 27.19 -12.20
C2D NAD H . -2.38 28.49 -12.74
O2D NAD H . -1.78 27.65 -11.74
C1D NAD H . -2.26 27.92 -14.15
N1N NAD H . -0.94 28.14 -14.87
C2N NAD H . -0.51 29.40 -15.05
C3N NAD H . 0.67 29.63 -15.72
C7N NAD H . 1.13 31.00 -16.15
O7N NAD H . 2.33 31.19 -16.44
N7N NAD H . 0.24 32.00 -16.10
C4N NAD H . 1.40 28.55 -16.20
C5N NAD H . 0.92 27.26 -16.01
C6N NAD H . -0.25 27.07 -15.33
C ACT I . 3.65 28.04 -13.71
O ACT I . 2.85 27.08 -13.74
OXT ACT I . 4.80 27.78 -14.14
CH3 ACT I . 3.25 29.40 -13.22
#